data_5H83
#
_entry.id   5H83
#
_cell.length_a   188.630
_cell.length_b   188.630
_cell.length_c   58.950
_cell.angle_alpha   90.000
_cell.angle_beta   90.000
_cell.angle_gamma   90.000
#
_symmetry.space_group_name_H-M   'I 4'
#
loop_
_entity.id
_entity.type
_entity.pdbx_description
1 polymer 'heteroyohimbine synthase HYS'
2 non-polymer 'ZINC ION'
3 water water
#
_entity_poly.entity_id   1
_entity_poly.type   'polypeptide(L)'
_entity_poly.pdbx_seq_one_letter_code
;GPAAKSPENVYPVKTFGFAAKDSSGFFSPFNFSRRATGENDVQFKVLYCGTCNYDLEMSTNKFGMTKYPFVIGHEIVGVV
TEIGSKVQKFKVGDKVGVGGFVGACEKCEMCVNGVENNCSKVESTDGHFGNNFGGCCNIMVVNEKYAVVWPENLPLHSGV
PLLCAGITTYSPLRRYGLDKPGLNIGIAGLGGLGHLAIRFAKAFGAKVTLISSSVKKKREALEKFGVDSFLLNSNPEEMQ
GAYGTLDGIIDTMPVAHSIVPFLALLKPLGKLIILGVPEEPFEVPAPALLMGGKLIAGSAAGSMKETQEMIDFAAKHNIV
ADVEVIPIDYLNTAMERIKNSDVKYRFVIDVGNTLKSPSF
;
_entity_poly.pdbx_strand_id   A,B
#
loop_
_chem_comp.id
_chem_comp.type
_chem_comp.name
_chem_comp.formula
ZN non-polymer 'ZINC ION' 'Zn 2'
#
# COMPACT_ATOMS: atom_id res chain seq x y z
N LYS A 5 -5.50 33.34 -34.39
CA LYS A 5 -6.40 32.78 -33.34
C LYS A 5 -6.83 31.33 -33.69
N SER A 6 -7.52 31.14 -34.82
CA SER A 6 -8.25 29.89 -35.11
C SER A 6 -7.32 28.69 -35.21
N PRO A 7 -7.64 27.57 -34.51
CA PRO A 7 -6.76 26.41 -34.37
C PRO A 7 -6.13 25.86 -35.66
N GLU A 8 -6.88 25.87 -36.76
CA GLU A 8 -6.34 25.44 -38.08
C GLU A 8 -5.18 26.32 -38.63
N ASN A 9 -5.14 27.59 -38.23
CA ASN A 9 -4.12 28.54 -38.69
C ASN A 9 -2.87 28.59 -37.81
N VAL A 10 -2.89 27.93 -36.66
CA VAL A 10 -1.78 28.05 -35.70
C VAL A 10 -0.53 27.36 -36.25
N TYR A 11 -0.65 26.10 -36.62
CA TYR A 11 0.50 25.31 -37.07
C TYR A 11 0.42 24.94 -38.58
N PRO A 12 1.54 24.46 -39.15
CA PRO A 12 1.54 24.17 -40.58
C PRO A 12 0.96 22.82 -41.03
N VAL A 13 0.93 21.80 -40.17
CA VAL A 13 0.27 20.54 -40.53
C VAL A 13 -1.22 20.64 -40.25
N LYS A 14 -2.03 20.65 -41.30
CA LYS A 14 -3.49 20.78 -41.17
C LYS A 14 -4.05 19.41 -40.83
N THR A 15 -4.94 19.39 -39.86
CA THR A 15 -5.53 18.18 -39.39
C THR A 15 -7.01 18.35 -39.16
N PHE A 16 -7.71 17.22 -39.13
CA PHE A 16 -9.14 17.25 -38.83
C PHE A 16 -9.53 16.05 -38.03
N GLY A 17 -10.57 16.23 -37.23
CA GLY A 17 -11.10 15.16 -36.43
C GLY A 17 -12.43 15.56 -35.86
N PHE A 18 -12.67 15.18 -34.59
CA PHE A 18 -13.93 15.44 -33.91
C PHE A 18 -13.65 16.02 -32.54
N ALA A 19 -14.49 17.00 -32.19
CA ALA A 19 -14.31 17.76 -30.99
C ALA A 19 -15.64 18.07 -30.26
N ALA A 20 -15.58 18.09 -28.94
CA ALA A 20 -16.66 18.62 -28.12
C ALA A 20 -16.44 20.12 -27.97
N LYS A 21 -17.46 20.90 -28.33
CA LYS A 21 -17.42 22.36 -28.29
C LYS A 21 -17.90 22.92 -26.95
N ASP A 22 -18.74 22.17 -26.25
CA ASP A 22 -19.27 22.61 -24.94
C ASP A 22 -19.55 21.41 -24.03
N SER A 23 -20.03 21.68 -22.83
CA SER A 23 -20.31 20.66 -21.80
C SER A 23 -21.47 19.70 -22.10
N SER A 24 -22.17 19.89 -23.21
CA SER A 24 -23.13 18.89 -23.66
C SER A 24 -22.41 17.64 -24.11
N GLY A 25 -21.15 17.79 -24.53
CA GLY A 25 -20.34 16.67 -24.94
C GLY A 25 -20.57 16.16 -26.36
N PHE A 26 -21.38 16.87 -27.15
CA PHE A 26 -21.62 16.50 -28.54
C PHE A 26 -20.34 16.70 -29.38
N PHE A 27 -19.88 15.61 -29.96
CA PHE A 27 -18.73 15.61 -30.81
C PHE A 27 -19.17 15.94 -32.22
N SER A 28 -18.44 16.83 -32.89
CA SER A 28 -18.70 17.16 -34.30
C SER A 28 -17.41 17.48 -35.03
N PRO A 29 -17.45 17.48 -36.38
CA PRO A 29 -16.24 17.73 -37.16
C PRO A 29 -15.52 19.01 -36.75
N PHE A 30 -14.20 18.95 -36.65
CA PHE A 30 -13.40 20.05 -36.13
C PHE A 30 -12.09 20.11 -36.89
N ASN A 31 -11.78 21.29 -37.43
CA ASN A 31 -10.50 21.53 -38.12
C ASN A 31 -9.48 22.15 -37.17
N PHE A 32 -8.25 21.67 -37.21
CA PHE A 32 -7.20 22.26 -36.42
C PHE A 32 -5.85 22.02 -37.09
N SER A 33 -4.75 22.17 -36.36
CA SER A 33 -3.44 21.94 -36.96
C SER A 33 -2.46 21.39 -35.94
N ARG A 34 -1.38 20.75 -36.41
CA ARG A 34 -0.30 20.30 -35.52
C ARG A 34 1.07 20.75 -35.99
N ARG A 35 2.02 20.73 -35.08
CA ARG A 35 3.37 21.15 -35.42
C ARG A 35 3.94 20.30 -36.57
N ALA A 36 4.85 20.92 -37.33
CA ALA A 36 5.70 20.21 -38.26
C ALA A 36 6.49 19.13 -37.51
N THR A 37 6.79 18.04 -38.22
CA THR A 37 7.62 16.97 -37.69
C THR A 37 9.03 17.49 -37.40
N GLY A 38 9.28 17.80 -36.14
CA GLY A 38 10.63 18.14 -35.67
C GLY A 38 11.58 16.96 -35.70
N GLU A 39 12.84 17.24 -35.38
CA GLU A 39 13.91 16.24 -35.52
C GLU A 39 13.77 14.98 -34.65
N ASN A 40 13.07 15.11 -33.51
CA ASN A 40 12.84 14.03 -32.58
C ASN A 40 11.41 13.48 -32.64
N ASP A 41 10.62 13.91 -33.64
CA ASP A 41 9.20 13.62 -33.72
C ASP A 41 8.84 12.45 -34.64
N VAL A 42 7.66 11.91 -34.37
CA VAL A 42 7.04 10.84 -35.11
C VAL A 42 5.65 11.32 -35.49
N GLN A 43 5.44 11.50 -36.79
CA GLN A 43 4.12 11.79 -37.35
C GLN A 43 3.51 10.48 -37.81
N PHE A 44 2.19 10.37 -37.64
CA PHE A 44 1.51 9.18 -38.05
C PHE A 44 0.05 9.39 -38.38
N LYS A 45 -0.43 8.59 -39.32
CA LYS A 45 -1.81 8.50 -39.69
C LYS A 45 -2.53 7.65 -38.66
N VAL A 46 -3.53 8.23 -38.00
CA VAL A 46 -4.25 7.48 -36.97
C VAL A 46 -5.13 6.45 -37.67
N LEU A 47 -5.04 5.21 -37.22
CA LEU A 47 -5.90 4.16 -37.76
C LEU A 47 -7.03 3.77 -36.82
N TYR A 48 -6.73 3.70 -35.51
CA TYR A 48 -7.73 3.38 -34.54
C TYR A 48 -7.54 4.25 -33.29
N CYS A 49 -8.65 4.62 -32.69
CA CYS A 49 -8.62 5.40 -31.48
C CYS A 49 -9.59 4.79 -30.51
N GLY A 50 -9.10 4.28 -29.40
CA GLY A 50 -9.94 3.78 -28.33
C GLY A 50 -10.65 4.91 -27.61
N THR A 51 -11.76 4.58 -26.95
CA THR A 51 -12.39 5.50 -26.04
C THR A 51 -13.00 4.71 -24.90
N CYS A 52 -13.53 5.43 -23.92
CA CYS A 52 -13.87 4.87 -22.60
C CYS A 52 -14.55 5.92 -21.75
N ASN A 53 -14.92 5.58 -20.52
CA ASN A 53 -15.67 6.47 -19.61
C ASN A 53 -14.98 7.81 -19.28
N TYR A 54 -13.66 7.79 -19.25
CA TYR A 54 -12.89 9.00 -19.08
C TYR A 54 -13.25 10.08 -20.12
N ASP A 55 -13.41 9.70 -21.39
CA ASP A 55 -13.79 10.65 -22.42
C ASP A 55 -15.24 11.15 -22.26
N LEU A 56 -16.12 10.27 -21.79
CA LEU A 56 -17.49 10.69 -21.46
C LEU A 56 -17.44 11.75 -20.38
N GLU A 57 -16.66 11.49 -19.34
CA GLU A 57 -16.57 12.42 -18.20
C GLU A 57 -15.97 13.75 -18.60
N MET A 58 -14.83 13.72 -19.28
CA MET A 58 -14.17 14.94 -19.74
C MET A 58 -15.03 15.72 -20.72
N SER A 59 -15.62 15.04 -21.71
CA SER A 59 -16.40 15.71 -22.77
C SER A 59 -17.65 16.43 -22.23
N THR A 60 -18.29 15.85 -21.22
CA THR A 60 -19.38 16.53 -20.48
C THR A 60 -18.92 17.39 -19.29
N ASN A 61 -17.61 17.59 -19.15
CA ASN A 61 -17.01 18.46 -18.14
C ASN A 61 -17.39 18.12 -16.70
N LYS A 62 -17.37 16.83 -16.35
CA LYS A 62 -17.76 16.36 -15.00
C LYS A 62 -17.00 17.04 -13.85
N PHE A 63 -15.75 17.41 -14.09
CA PHE A 63 -14.88 18.03 -13.07
C PHE A 63 -14.74 19.55 -13.22
N GLY A 64 -15.51 20.16 -14.13
CA GLY A 64 -15.50 21.60 -14.33
C GLY A 64 -14.22 22.23 -14.86
N MET A 65 -13.25 21.41 -15.29
CA MET A 65 -11.94 21.89 -15.69
C MET A 65 -11.59 21.49 -17.13
N THR A 66 -12.59 21.16 -17.95
CA THR A 66 -12.34 20.83 -19.37
C THR A 66 -12.17 22.08 -20.23
N LYS A 67 -11.20 22.05 -21.15
CA LYS A 67 -10.96 23.15 -22.08
C LYS A 67 -11.56 22.84 -23.46
N TYR A 68 -12.57 23.61 -23.82
CA TYR A 68 -13.25 23.46 -25.09
C TYR A 68 -12.59 24.44 -26.09
N PRO A 69 -12.31 24.01 -27.33
CA PRO A 69 -12.76 22.72 -27.88
C PRO A 69 -11.86 21.53 -27.49
N PHE A 70 -12.52 20.41 -27.22
CA PHE A 70 -11.92 19.21 -26.63
C PHE A 70 -11.95 18.06 -27.63
N VAL A 71 -10.76 17.58 -27.98
CA VAL A 71 -10.62 16.51 -28.94
C VAL A 71 -10.12 15.30 -28.18
N ILE A 72 -10.92 14.25 -28.12
CA ILE A 72 -10.53 13.05 -27.36
C ILE A 72 -9.37 12.35 -28.04
N GLY A 73 -8.77 11.40 -27.32
CA GLY A 73 -7.86 10.44 -27.95
C GLY A 73 -6.63 10.24 -27.14
N HIS A 74 -6.72 9.37 -26.13
CA HIS A 74 -5.60 9.07 -25.25
C HIS A 74 -5.15 7.62 -25.41
N GLU A 75 -5.66 6.97 -26.45
CA GLU A 75 -5.34 5.57 -26.69
C GLU A 75 -5.51 5.40 -28.18
N ILE A 76 -4.39 5.50 -28.89
CA ILE A 76 -4.38 5.59 -30.33
C ILE A 76 -3.22 4.79 -30.88
N VAL A 77 -3.46 4.20 -32.05
CA VAL A 77 -2.44 3.52 -32.84
C VAL A 77 -2.60 3.96 -34.29
N GLY A 78 -1.51 3.93 -35.03
CA GLY A 78 -1.57 4.24 -36.45
C GLY A 78 -0.27 3.87 -37.12
N VAL A 79 -0.02 4.47 -38.27
CA VAL A 79 1.06 4.04 -39.14
C VAL A 79 1.93 5.25 -39.42
N VAL A 80 3.24 5.08 -39.27
CA VAL A 80 4.16 6.24 -39.27
C VAL A 80 4.27 6.78 -40.69
N THR A 81 4.09 8.08 -40.83
CA THR A 81 4.17 8.81 -42.10
C THR A 81 5.47 9.60 -42.25
N GLU A 82 5.98 10.16 -41.14
CA GLU A 82 7.25 10.96 -41.16
C GLU A 82 8.00 10.76 -39.86
N ILE A 83 9.32 10.74 -39.94
CA ILE A 83 10.16 10.73 -38.76
C ILE A 83 11.16 11.86 -38.84
N GLY A 84 11.47 12.46 -37.70
CA GLY A 84 12.50 13.46 -37.65
C GLY A 84 13.88 12.87 -37.82
N SER A 85 14.83 13.74 -38.09
CA SER A 85 16.16 13.38 -38.49
C SER A 85 16.96 12.64 -37.46
N LYS A 86 16.62 12.77 -36.19
CA LYS A 86 17.33 12.08 -35.10
C LYS A 86 16.53 10.87 -34.53
N VAL A 87 15.40 10.53 -35.14
CA VAL A 87 14.59 9.37 -34.67
C VAL A 87 15.26 8.01 -34.93
N GLN A 88 15.35 7.22 -33.87
CA GLN A 88 15.93 5.87 -33.84
C GLN A 88 14.87 4.76 -33.97
N LYS A 89 13.80 4.90 -33.20
CA LYS A 89 12.91 3.82 -32.87
C LYS A 89 11.99 3.43 -34.00
N PHE A 90 11.79 4.30 -35.00
CA PHE A 90 10.77 4.09 -36.03
C PHE A 90 11.34 4.38 -37.38
N LYS A 91 10.78 3.72 -38.42
CA LYS A 91 10.90 4.14 -39.82
C LYS A 91 9.48 4.34 -40.42
N VAL A 92 9.39 5.01 -41.56
CA VAL A 92 8.08 5.29 -42.18
C VAL A 92 7.39 3.96 -42.54
N GLY A 93 6.09 3.85 -42.26
CA GLY A 93 5.36 2.59 -42.41
C GLY A 93 5.28 1.68 -41.18
N ASP A 94 6.17 1.87 -40.21
CA ASP A 94 6.07 1.17 -38.92
C ASP A 94 4.76 1.53 -38.23
N LYS A 95 4.30 0.67 -37.32
CA LYS A 95 3.14 1.00 -36.52
C LYS A 95 3.60 1.65 -35.23
N VAL A 96 2.76 2.50 -34.68
CA VAL A 96 3.10 3.26 -33.47
C VAL A 96 1.85 3.39 -32.57
N GLY A 97 2.06 3.50 -31.26
CA GLY A 97 0.97 3.79 -30.32
C GLY A 97 1.24 5.02 -29.46
N VAL A 98 0.17 5.72 -29.09
CA VAL A 98 0.28 6.78 -28.14
C VAL A 98 -0.79 6.61 -27.10
N GLY A 99 -0.34 6.71 -25.87
CA GLY A 99 -1.16 6.61 -24.68
C GLY A 99 -1.49 7.97 -24.13
N GLY A 100 -1.57 8.05 -22.80
CA GLY A 100 -2.23 9.15 -22.12
C GLY A 100 -1.48 10.46 -22.07
N PHE A 101 -0.18 10.44 -22.32
CA PHE A 101 0.62 11.65 -22.25
C PHE A 101 1.68 11.67 -23.35
N VAL A 102 2.04 12.87 -23.77
CA VAL A 102 2.98 13.11 -24.84
C VAL A 102 4.23 13.90 -24.38
N GLY A 103 4.32 14.22 -23.08
CA GLY A 103 5.43 15.01 -22.59
C GLY A 103 5.40 15.16 -21.09
N ALA A 104 6.50 15.70 -20.58
CA ALA A 104 6.66 15.91 -19.15
C ALA A 104 7.88 16.79 -18.98
N CYS A 105 8.22 17.14 -17.74
CA CYS A 105 9.24 18.19 -17.54
C CYS A 105 10.65 17.66 -17.83
N GLU A 106 10.81 16.33 -17.75
CA GLU A 106 12.07 15.63 -18.07
C GLU A 106 13.22 15.86 -17.09
N LYS A 107 12.96 16.59 -15.99
CA LYS A 107 14.01 17.05 -15.07
C LYS A 107 13.75 16.73 -13.56
N CYS A 108 12.49 16.49 -13.17
CA CYS A 108 12.13 16.21 -11.79
C CYS A 108 12.46 14.75 -11.38
N GLU A 109 12.37 14.49 -10.08
CA GLU A 109 12.56 13.15 -9.54
C GLU A 109 11.76 12.05 -10.29
N MET A 110 10.49 12.33 -10.58
CA MET A 110 9.58 11.37 -11.22
C MET A 110 10.04 11.05 -12.63
N CYS A 111 10.38 12.09 -13.40
CA CYS A 111 10.87 11.95 -14.78
C CYS A 111 12.21 11.24 -14.83
N VAL A 112 13.16 11.70 -14.03
CA VAL A 112 14.51 11.12 -13.96
C VAL A 112 14.46 9.62 -13.66
N ASN A 113 13.53 9.21 -12.79
CA ASN A 113 13.36 7.80 -12.41
C ASN A 113 12.42 6.96 -13.30
N GLY A 114 12.12 7.42 -14.51
CA GLY A 114 11.28 6.67 -15.44
C GLY A 114 9.83 6.47 -14.99
N VAL A 115 9.31 7.35 -14.11
CA VAL A 115 7.89 7.36 -13.73
C VAL A 115 7.25 8.72 -14.03
N GLU A 116 7.59 9.22 -15.21
CA GLU A 116 7.17 10.55 -15.70
C GLU A 116 5.66 10.74 -15.82
N ASN A 117 4.87 9.66 -15.84
CA ASN A 117 3.40 9.77 -15.69
C ASN A 117 2.97 10.51 -14.42
N ASN A 118 3.82 10.47 -13.37
CA ASN A 118 3.60 11.24 -12.13
C ASN A 118 4.19 12.63 -12.09
N CYS A 119 4.67 13.14 -13.22
CA CYS A 119 5.26 14.49 -13.26
C CYS A 119 4.14 15.46 -13.00
N SER A 120 4.39 16.42 -12.11
CA SER A 120 3.44 17.50 -11.90
C SER A 120 3.22 18.33 -13.19
N LYS A 121 4.17 18.29 -14.13
CA LYS A 121 4.03 19.00 -15.43
C LYS A 121 3.81 18.03 -16.61
N VAL A 122 3.22 16.86 -16.33
CA VAL A 122 2.90 15.88 -17.38
C VAL A 122 1.95 16.53 -18.40
N GLU A 123 2.14 16.19 -19.68
CA GLU A 123 1.37 16.79 -20.79
C GLU A 123 0.42 15.75 -21.36
N SER A 124 -0.86 15.89 -21.05
CA SER A 124 -1.85 14.93 -21.50
C SER A 124 -1.98 14.99 -23.01
N THR A 125 -2.16 13.82 -23.61
CA THR A 125 -2.37 13.71 -25.04
C THR A 125 -3.63 14.45 -25.48
N ASP A 126 -4.71 14.35 -24.71
CA ASP A 126 -5.98 15.00 -25.05
C ASP A 126 -6.08 16.45 -24.54
N GLY A 127 -5.02 16.92 -23.88
CA GLY A 127 -4.91 18.30 -23.46
C GLY A 127 -5.89 18.67 -22.38
N HIS A 128 -6.03 17.81 -21.37
CA HIS A 128 -6.78 18.15 -20.16
C HIS A 128 -5.84 18.68 -19.03
N PHE A 129 -4.58 18.23 -19.04
CA PHE A 129 -3.45 18.95 -18.41
C PHE A 129 -2.60 19.52 -19.55
N GLY A 130 -2.68 20.83 -19.77
CA GLY A 130 -2.00 21.52 -20.89
C GLY A 130 -2.94 21.98 -22.01
N ASN A 131 -2.34 22.33 -23.16
CA ASN A 131 -3.07 22.64 -24.39
C ASN A 131 -2.61 21.71 -25.46
N ASN A 132 -3.51 20.87 -25.91
CA ASN A 132 -3.20 19.84 -26.85
C ASN A 132 -4.53 19.28 -27.31
N PHE A 133 -4.50 18.59 -28.44
CA PHE A 133 -5.67 17.96 -29.03
C PHE A 133 -5.35 16.48 -29.12
N GLY A 134 -6.30 15.63 -28.73
CA GLY A 134 -6.09 14.17 -28.68
C GLY A 134 -6.08 13.57 -30.08
N GLY A 135 -5.84 12.27 -30.18
CA GLY A 135 -5.67 11.59 -31.47
C GLY A 135 -6.87 11.08 -32.21
N CYS A 136 -8.06 11.56 -31.90
CA CYS A 136 -9.24 11.22 -32.66
C CYS A 136 -9.33 12.21 -33.86
N CYS A 137 -8.48 11.94 -34.82
CA CYS A 137 -8.15 12.88 -35.90
C CYS A 137 -7.29 12.14 -36.93
N ASN A 138 -7.01 12.79 -38.05
CA ASN A 138 -6.35 12.11 -39.17
C ASN A 138 -4.87 11.90 -38.97
N ILE A 139 -4.19 12.92 -38.47
CA ILE A 139 -2.75 12.92 -38.31
C ILE A 139 -2.39 13.31 -36.90
N MET A 140 -1.41 12.58 -36.35
CA MET A 140 -0.88 12.82 -35.01
C MET A 140 0.62 12.99 -35.15
N VAL A 141 1.21 13.72 -34.19
CA VAL A 141 2.65 13.85 -34.08
C VAL A 141 3.03 13.92 -32.61
N VAL A 142 4.16 13.28 -32.29
CA VAL A 142 4.53 13.03 -30.91
C VAL A 142 6.05 12.88 -30.85
N ASN A 143 6.63 13.36 -29.77
CA ASN A 143 8.02 13.15 -29.51
C ASN A 143 8.24 11.64 -29.35
N GLU A 144 9.35 11.20 -29.92
CA GLU A 144 9.74 9.80 -29.97
C GLU A 144 9.62 9.11 -28.64
N LYS A 145 10.07 9.82 -27.58
CA LYS A 145 10.07 9.29 -26.21
C LYS A 145 8.72 8.74 -25.79
N TYR A 146 7.66 9.36 -26.31
CA TYR A 146 6.31 9.09 -25.86
C TYR A 146 5.54 8.25 -26.84
N ALA A 147 6.25 7.64 -27.79
CA ALA A 147 5.67 6.81 -28.83
C ALA A 147 6.01 5.36 -28.55
N VAL A 148 4.99 4.52 -28.57
CA VAL A 148 5.17 3.10 -28.31
C VAL A 148 5.54 2.40 -29.62
N VAL A 149 6.60 1.59 -29.59
CA VAL A 149 7.00 0.77 -30.72
C VAL A 149 5.99 -0.37 -30.79
N TRP A 150 5.18 -0.39 -31.84
CA TRP A 150 4.02 -1.28 -31.89
C TRP A 150 4.33 -2.45 -32.80
N PRO A 151 4.44 -3.65 -32.25
CA PRO A 151 4.89 -4.75 -33.12
C PRO A 151 3.80 -5.29 -34.04
N GLU A 152 4.25 -5.90 -35.12
CA GLU A 152 3.35 -6.35 -36.19
C GLU A 152 2.51 -7.54 -35.79
N ASN A 153 2.88 -8.24 -34.71
CA ASN A 153 2.07 -9.37 -34.23
C ASN A 153 1.06 -8.97 -33.15
N LEU A 154 0.81 -7.65 -32.98
CA LEU A 154 -0.22 -7.16 -32.06
C LEU A 154 -1.28 -6.43 -32.85
N PRO A 155 -2.49 -6.98 -32.91
CA PRO A 155 -3.50 -6.32 -33.75
C PRO A 155 -3.78 -4.91 -33.26
N LEU A 156 -3.91 -4.01 -34.20
CA LEU A 156 -4.19 -2.62 -33.95
C LEU A 156 -5.59 -2.38 -33.35
N HIS A 157 -6.62 -2.93 -33.98
CA HIS A 157 -7.99 -2.59 -33.60
C HIS A 157 -8.35 -3.10 -32.21
N SER A 158 -7.81 -4.25 -31.85
CA SER A 158 -8.13 -4.84 -30.57
C SER A 158 -7.04 -4.63 -29.57
N GLY A 159 -5.85 -4.26 -30.04
CA GLY A 159 -4.75 -3.89 -29.17
C GLY A 159 -4.79 -2.50 -28.56
N VAL A 160 -5.45 -1.57 -29.24
CA VAL A 160 -5.35 -0.15 -28.83
C VAL A 160 -5.82 0.13 -27.39
N PRO A 161 -6.90 -0.53 -26.90
CA PRO A 161 -7.25 -0.28 -25.48
C PRO A 161 -6.21 -0.73 -24.45
N LEU A 162 -5.20 -1.52 -24.85
CA LEU A 162 -4.11 -1.84 -23.95
C LEU A 162 -3.41 -0.59 -23.44
N LEU A 163 -3.40 0.47 -24.27
CA LEU A 163 -2.77 1.75 -23.88
C LEU A 163 -3.50 2.52 -22.81
N CYS A 164 -4.75 2.11 -22.50
CA CYS A 164 -5.56 2.69 -21.46
C CYS A 164 -5.91 1.65 -20.38
N ALA A 165 -6.81 0.71 -20.71
CA ALA A 165 -7.26 -0.31 -19.74
C ALA A 165 -6.14 -1.30 -19.44
N GLY A 166 -5.33 -1.59 -20.44
CA GLY A 166 -4.21 -2.54 -20.27
C GLY A 166 -3.18 -2.11 -19.25
N ILE A 167 -2.59 -0.95 -19.48
CA ILE A 167 -1.52 -0.46 -18.61
C ILE A 167 -2.02 -0.28 -17.17
N THR A 168 -3.26 0.14 -17.04
CA THR A 168 -3.90 0.31 -15.74
C THR A 168 -3.89 -0.94 -14.86
N THR A 169 -4.09 -2.10 -15.49
CA THR A 169 -4.07 -3.39 -14.79
C THR A 169 -2.65 -3.97 -14.72
N TYR A 170 -1.91 -3.85 -15.80
CA TYR A 170 -0.56 -4.42 -15.90
C TYR A 170 0.41 -3.77 -14.93
N SER A 171 0.41 -2.45 -14.87
CA SER A 171 1.34 -1.78 -13.98
C SER A 171 1.30 -2.25 -12.49
N PRO A 172 0.11 -2.30 -11.86
CA PRO A 172 0.12 -2.73 -10.47
C PRO A 172 0.40 -4.23 -10.29
N LEU A 173 0.01 -5.05 -11.26
CA LEU A 173 0.37 -6.47 -11.24
C LEU A 173 1.89 -6.69 -11.18
N ARG A 174 2.66 -5.84 -11.88
CA ARG A 174 4.12 -5.92 -11.79
C ARG A 174 4.67 -5.21 -10.56
N ARG A 175 4.09 -4.06 -10.18
CA ARG A 175 4.66 -3.23 -9.13
C ARG A 175 4.54 -3.94 -7.79
N TYR A 176 3.41 -4.62 -7.56
CA TYR A 176 3.13 -5.29 -6.29
C TYR A 176 3.45 -6.78 -6.28
N GLY A 177 4.27 -7.24 -7.23
CA GLY A 177 4.72 -8.63 -7.30
C GLY A 177 3.63 -9.68 -7.48
N LEU A 178 2.57 -9.32 -8.20
CA LEU A 178 1.43 -10.18 -8.43
C LEU A 178 1.51 -10.83 -9.81
N ASP A 179 2.73 -11.05 -10.28
CA ASP A 179 3.01 -11.44 -11.65
C ASP A 179 3.88 -12.71 -11.69
N LYS A 180 3.98 -13.43 -10.57
CA LYS A 180 4.78 -14.65 -10.46
C LYS A 180 3.87 -15.88 -10.72
N PRO A 181 4.42 -16.92 -11.38
CA PRO A 181 3.62 -18.15 -11.59
C PRO A 181 3.10 -18.80 -10.29
N GLY A 182 1.85 -19.28 -10.32
CA GLY A 182 1.26 -20.04 -9.23
C GLY A 182 0.65 -19.22 -8.10
N LEU A 183 0.73 -17.89 -8.18
CA LEU A 183 0.05 -17.04 -7.22
C LEU A 183 -1.46 -17.17 -7.43
N ASN A 184 -2.24 -17.02 -6.36
CA ASN A 184 -3.69 -16.83 -6.47
C ASN A 184 -4.03 -15.35 -6.54
N ILE A 185 -4.60 -14.95 -7.67
CA ILE A 185 -4.97 -13.57 -7.95
C ILE A 185 -6.47 -13.48 -8.20
N GLY A 186 -7.10 -12.60 -7.44
CA GLY A 186 -8.50 -12.27 -7.60
C GLY A 186 -8.68 -11.04 -8.47
N ILE A 187 -9.72 -11.04 -9.26
CA ILE A 187 -10.12 -9.88 -10.01
C ILE A 187 -11.57 -9.66 -9.60
N ALA A 188 -11.90 -8.46 -9.14
CA ALA A 188 -13.28 -8.14 -8.82
C ALA A 188 -13.86 -7.35 -9.97
N GLY A 189 -14.95 -7.86 -10.54
CA GLY A 189 -15.68 -7.22 -11.65
C GLY A 189 -15.12 -7.62 -13.01
N LEU A 190 -15.97 -8.14 -13.90
CA LEU A 190 -15.56 -8.54 -15.24
C LEU A 190 -16.10 -7.55 -16.29
N GLY A 191 -15.39 -6.44 -16.43
CA GLY A 191 -15.71 -5.39 -17.41
C GLY A 191 -14.44 -5.03 -18.15
N GLY A 192 -14.37 -3.79 -18.62
CA GLY A 192 -13.22 -3.30 -19.38
C GLY A 192 -11.88 -3.55 -18.73
N LEU A 193 -11.69 -3.09 -17.49
CA LEU A 193 -10.44 -3.31 -16.79
C LEU A 193 -10.25 -4.80 -16.43
N GLY A 194 -11.26 -5.42 -15.83
CA GLY A 194 -11.14 -6.78 -15.29
C GLY A 194 -10.81 -7.83 -16.34
N HIS A 195 -11.40 -7.70 -17.53
CA HIS A 195 -11.20 -8.72 -18.59
C HIS A 195 -9.72 -8.78 -19.02
N LEU A 196 -9.06 -7.63 -19.14
CA LEU A 196 -7.64 -7.59 -19.44
C LEU A 196 -6.80 -8.02 -18.24
N ALA A 197 -7.17 -7.55 -17.05
CA ALA A 197 -6.53 -8.03 -15.82
C ALA A 197 -6.50 -9.56 -15.76
N ILE A 198 -7.60 -10.21 -16.15
CA ILE A 198 -7.64 -11.67 -16.19
C ILE A 198 -6.64 -12.21 -17.23
N ARG A 199 -6.65 -11.65 -18.43
CA ARG A 199 -5.77 -12.17 -19.49
C ARG A 199 -4.29 -11.99 -19.14
N PHE A 200 -3.92 -10.87 -18.48
CA PHE A 200 -2.56 -10.66 -17.99
C PHE A 200 -2.21 -11.66 -16.91
N ALA A 201 -3.07 -11.80 -15.91
CA ALA A 201 -2.79 -12.69 -14.78
C ALA A 201 -2.57 -14.14 -15.25
N LYS A 202 -3.44 -14.59 -16.16
CA LYS A 202 -3.37 -15.91 -16.75
C LYS A 202 -2.01 -16.09 -17.46
N ALA A 203 -1.61 -15.09 -18.23
CA ALA A 203 -0.33 -15.10 -18.93
C ALA A 203 0.87 -15.13 -18.00
N PHE A 204 0.76 -14.51 -16.83
CA PHE A 204 1.83 -14.57 -15.80
C PHE A 204 1.94 -15.94 -15.09
N GLY A 205 0.87 -16.74 -15.20
CA GLY A 205 0.77 -18.07 -14.61
C GLY A 205 0.00 -18.13 -13.29
N ALA A 206 -0.94 -17.20 -13.06
CA ALA A 206 -1.66 -17.19 -11.79
C ALA A 206 -2.86 -18.13 -11.82
N LYS A 207 -3.20 -18.68 -10.65
CA LYS A 207 -4.54 -19.24 -10.45
C LYS A 207 -5.43 -18.02 -10.20
N VAL A 208 -6.37 -17.80 -11.12
CA VAL A 208 -7.27 -16.64 -11.13
C VAL A 208 -8.65 -16.92 -10.56
N THR A 209 -9.08 -16.07 -9.63
CA THR A 209 -10.43 -16.07 -9.10
C THR A 209 -11.19 -14.81 -9.58
N LEU A 210 -12.37 -14.99 -10.16
CA LEU A 210 -13.27 -13.85 -10.43
C LEU A 210 -14.19 -13.65 -9.23
N ILE A 211 -14.18 -12.44 -8.67
CA ILE A 211 -15.11 -11.99 -7.62
C ILE A 211 -16.17 -11.10 -8.27
N SER A 212 -17.44 -11.34 -8.00
CA SER A 212 -18.52 -10.70 -8.77
C SER A 212 -19.78 -10.69 -7.97
N SER A 213 -20.64 -9.71 -8.24
CA SER A 213 -21.98 -9.66 -7.63
C SER A 213 -23.07 -10.33 -8.47
N SER A 214 -22.77 -10.75 -9.70
CA SER A 214 -23.76 -11.41 -10.56
C SER A 214 -23.32 -12.83 -10.92
N VAL A 215 -24.18 -13.81 -10.68
CA VAL A 215 -23.93 -15.19 -11.09
C VAL A 215 -23.90 -15.40 -12.61
N LYS A 216 -24.57 -14.53 -13.38
CA LYS A 216 -24.50 -14.56 -14.87
C LYS A 216 -23.07 -14.72 -15.38
N LYS A 217 -22.19 -13.97 -14.75
CA LYS A 217 -20.78 -13.85 -15.11
C LYS A 217 -19.96 -15.08 -14.82
N LYS A 218 -20.47 -15.97 -13.98
CA LYS A 218 -19.70 -17.15 -13.61
C LYS A 218 -19.39 -17.99 -14.84
N ARG A 219 -20.44 -18.25 -15.62
CA ARG A 219 -20.30 -19.06 -16.81
C ARG A 219 -19.35 -18.37 -17.80
N GLU A 220 -19.51 -17.05 -17.98
CA GLU A 220 -18.62 -16.30 -18.85
C GLU A 220 -17.18 -16.46 -18.44
N ALA A 221 -16.90 -16.30 -17.15
CA ALA A 221 -15.52 -16.32 -16.65
C ALA A 221 -14.86 -17.66 -16.89
N LEU A 222 -15.60 -18.72 -16.61
CA LEU A 222 -15.16 -20.10 -16.81
C LEU A 222 -15.06 -20.45 -18.31
N GLU A 223 -16.08 -20.18 -19.11
CA GLU A 223 -16.02 -20.59 -20.53
C GLU A 223 -15.04 -19.78 -21.35
N LYS A 224 -15.07 -18.45 -21.17
CA LYS A 224 -14.37 -17.54 -22.07
C LYS A 224 -13.06 -17.01 -21.52
N PHE A 225 -12.87 -17.02 -20.20
CA PHE A 225 -11.61 -16.51 -19.60
C PHE A 225 -10.75 -17.55 -18.91
N GLY A 226 -11.14 -18.82 -18.95
CA GLY A 226 -10.39 -19.88 -18.27
C GLY A 226 -10.19 -19.61 -16.77
N VAL A 227 -11.20 -19.03 -16.13
CA VAL A 227 -11.05 -18.64 -14.75
C VAL A 227 -11.27 -19.88 -13.88
N ASP A 228 -10.48 -19.95 -12.84
CA ASP A 228 -10.36 -21.15 -12.01
C ASP A 228 -11.49 -21.21 -10.98
N SER A 229 -11.67 -20.13 -10.22
CA SER A 229 -12.67 -20.07 -9.17
C SER A 229 -13.57 -18.88 -9.41
N PHE A 230 -14.81 -18.98 -8.94
CA PHE A 230 -15.76 -17.87 -8.92
C PHE A 230 -16.27 -17.66 -7.51
N LEU A 231 -16.14 -16.43 -6.99
CA LEU A 231 -16.73 -16.05 -5.72
C LEU A 231 -17.82 -15.03 -5.95
N LEU A 232 -19.04 -15.35 -5.52
CA LEU A 232 -20.14 -14.40 -5.48
C LEU A 232 -20.02 -13.64 -4.16
N ASN A 233 -19.79 -12.33 -4.24
CA ASN A 233 -19.50 -11.53 -3.04
C ASN A 233 -20.71 -11.29 -2.15
N SER A 234 -21.92 -11.50 -2.67
CA SER A 234 -23.13 -11.47 -1.86
C SER A 234 -23.42 -12.80 -1.16
N ASN A 235 -22.59 -13.84 -1.40
CA ASN A 235 -22.74 -15.14 -0.73
C ASN A 235 -21.68 -15.33 0.36
N PRO A 236 -22.02 -15.07 1.64
CA PRO A 236 -20.98 -15.11 2.69
C PRO A 236 -20.34 -16.50 2.91
N GLU A 237 -21.08 -17.60 2.78
CA GLU A 237 -20.50 -18.95 2.94
C GLU A 237 -19.37 -19.17 1.93
N GLU A 238 -19.61 -18.77 0.68
CA GLU A 238 -18.64 -18.91 -0.39
C GLU A 238 -17.41 -18.04 -0.09
N MET A 239 -17.65 -16.78 0.25
CA MET A 239 -16.58 -15.83 0.55
C MET A 239 -15.74 -16.28 1.74
N GLN A 240 -16.40 -16.63 2.84
CA GLN A 240 -15.72 -17.09 4.06
C GLN A 240 -14.80 -18.31 3.83
N GLY A 241 -15.20 -19.19 2.91
CA GLY A 241 -14.40 -20.37 2.58
C GLY A 241 -13.07 -20.08 1.89
N ALA A 242 -12.96 -18.91 1.26
CA ALA A 242 -11.73 -18.52 0.59
C ALA A 242 -10.91 -17.50 1.41
N TYR A 243 -11.26 -17.30 2.68
CA TYR A 243 -10.56 -16.34 3.54
C TYR A 243 -9.11 -16.73 3.65
N GLY A 244 -8.25 -15.73 3.46
CA GLY A 244 -6.82 -15.92 3.59
C GLY A 244 -6.18 -16.78 2.52
N THR A 245 -6.70 -16.72 1.30
CA THR A 245 -6.18 -17.55 0.21
C THR A 245 -5.53 -16.78 -0.96
N LEU A 246 -5.86 -15.51 -1.14
CA LEU A 246 -5.44 -14.77 -2.33
C LEU A 246 -4.17 -13.95 -2.04
N ASP A 247 -3.21 -13.99 -2.96
CA ASP A 247 -2.00 -13.18 -2.84
C ASP A 247 -2.26 -11.71 -3.14
N GLY A 248 -3.23 -11.47 -4.04
CA GLY A 248 -3.69 -10.13 -4.33
C GLY A 248 -5.00 -10.07 -5.05
N ILE A 249 -5.57 -8.88 -5.13
CA ILE A 249 -6.87 -8.66 -5.74
C ILE A 249 -6.85 -7.36 -6.53
N ILE A 250 -7.26 -7.44 -7.79
CA ILE A 250 -7.43 -6.28 -8.66
C ILE A 250 -8.93 -5.95 -8.64
N ASP A 251 -9.27 -4.84 -7.97
CA ASP A 251 -10.66 -4.43 -7.77
C ASP A 251 -11.04 -3.40 -8.84
N THR A 252 -11.82 -3.84 -9.83
CA THR A 252 -12.26 -2.99 -10.93
C THR A 252 -13.69 -2.46 -10.74
N MET A 253 -14.38 -2.83 -9.66
CA MET A 253 -15.80 -2.48 -9.50
C MET A 253 -16.04 -0.96 -9.36
N PRO A 254 -16.88 -0.38 -10.23
CA PRO A 254 -17.21 1.04 -10.11
C PRO A 254 -18.36 1.32 -9.18
N VAL A 255 -19.12 0.30 -8.79
CA VAL A 255 -20.29 0.51 -7.91
C VAL A 255 -19.88 0.59 -6.45
N ALA A 256 -20.71 1.22 -5.64
CA ALA A 256 -20.51 1.21 -4.20
C ALA A 256 -20.38 -0.24 -3.74
N HIS A 257 -19.30 -0.55 -3.02
CA HIS A 257 -19.12 -1.86 -2.39
C HIS A 257 -18.16 -1.79 -1.21
N SER A 258 -18.24 -2.81 -0.35
CA SER A 258 -17.29 -2.96 0.74
C SER A 258 -16.07 -3.74 0.28
N ILE A 259 -14.90 -3.34 0.76
CA ILE A 259 -13.64 -4.04 0.52
C ILE A 259 -13.16 -4.82 1.75
N VAL A 260 -13.92 -4.76 2.84
CA VAL A 260 -13.55 -5.55 4.01
C VAL A 260 -13.54 -7.07 3.70
N PRO A 261 -14.57 -7.58 2.98
CA PRO A 261 -14.49 -8.97 2.55
C PRO A 261 -13.30 -9.25 1.66
N PHE A 262 -12.94 -8.28 0.81
CA PHE A 262 -11.76 -8.43 -0.06
C PHE A 262 -10.47 -8.48 0.77
N LEU A 263 -10.34 -7.58 1.75
CA LEU A 263 -9.18 -7.65 2.67
C LEU A 263 -9.12 -9.01 3.38
N ALA A 264 -10.26 -9.54 3.81
CA ALA A 264 -10.31 -10.86 4.47
C ALA A 264 -9.90 -12.04 3.55
N LEU A 265 -10.25 -11.95 2.26
CA LEU A 265 -9.80 -12.94 1.29
C LEU A 265 -8.28 -12.99 1.12
N LEU A 266 -7.56 -11.90 1.39
CA LEU A 266 -6.10 -11.87 1.17
C LEU A 266 -5.38 -12.71 2.19
N LYS A 267 -4.28 -13.35 1.77
CA LYS A 267 -3.29 -13.89 2.71
C LYS A 267 -2.63 -12.73 3.49
N PRO A 268 -1.95 -13.04 4.59
CA PRO A 268 -1.04 -12.03 5.17
C PRO A 268 0.00 -11.50 4.13
N LEU A 269 0.33 -10.21 4.26
CA LEU A 269 1.18 -9.47 3.30
C LEU A 269 0.65 -9.37 1.84
N GLY A 270 -0.67 -9.56 1.68
CA GLY A 270 -1.31 -9.53 0.38
C GLY A 270 -1.75 -8.12 0.05
N LYS A 271 -2.11 -7.88 -1.21
CA LYS A 271 -2.38 -6.53 -1.68
C LYS A 271 -3.73 -6.41 -2.33
N LEU A 272 -4.49 -5.41 -1.92
CA LEU A 272 -5.72 -5.02 -2.61
C LEU A 272 -5.40 -3.85 -3.52
N ILE A 273 -5.66 -3.97 -4.82
CA ILE A 273 -5.45 -2.84 -5.74
C ILE A 273 -6.80 -2.29 -6.22
N ILE A 274 -7.04 -1.01 -6.00
CA ILE A 274 -8.31 -0.37 -6.37
C ILE A 274 -8.11 0.34 -7.71
N LEU A 275 -8.91 -0.03 -8.72
CA LEU A 275 -8.90 0.60 -10.07
C LEU A 275 -10.20 1.32 -10.47
N GLY A 276 -11.33 0.80 -10.03
CA GLY A 276 -12.60 1.51 -10.09
C GLY A 276 -12.64 2.71 -9.17
N VAL A 277 -13.61 3.58 -9.43
CA VAL A 277 -13.82 4.82 -8.68
C VAL A 277 -15.30 4.94 -8.30
N PRO A 278 -15.74 4.20 -7.26
CA PRO A 278 -17.09 4.42 -6.76
C PRO A 278 -17.22 5.82 -6.21
N GLU A 279 -18.45 6.34 -6.22
CA GLU A 279 -18.73 7.66 -5.66
C GLU A 279 -18.77 7.58 -4.14
N GLU A 280 -19.29 6.46 -3.66
CA GLU A 280 -19.21 6.11 -2.25
C GLU A 280 -17.76 5.84 -1.80
N PRO A 281 -17.27 6.57 -0.78
CA PRO A 281 -15.96 6.21 -0.21
C PRO A 281 -15.97 4.82 0.42
N PHE A 282 -14.81 4.17 0.48
CA PHE A 282 -14.67 2.90 1.20
C PHE A 282 -14.53 3.11 2.71
N GLU A 283 -15.20 2.25 3.48
N GLU A 283 -15.25 2.30 3.49
CA GLU A 283 -15.04 2.22 4.93
CA GLU A 283 -15.06 2.18 4.94
C GLU A 283 -14.00 1.14 5.27
C GLU A 283 -13.96 1.14 5.18
N VAL A 284 -12.88 1.55 5.85
CA VAL A 284 -11.72 0.66 6.09
C VAL A 284 -11.44 0.65 7.59
N PRO A 285 -11.85 -0.43 8.29
CA PRO A 285 -11.47 -0.54 9.69
C PRO A 285 -9.99 -0.84 9.79
N ALA A 286 -9.33 -0.11 10.68
CA ALA A 286 -7.92 -0.32 10.96
C ALA A 286 -7.57 -1.80 11.14
N PRO A 287 -8.35 -2.56 11.94
CA PRO A 287 -8.01 -3.99 12.12
C PRO A 287 -7.93 -4.82 10.82
N ALA A 288 -8.83 -4.58 9.88
CA ALA A 288 -8.77 -5.31 8.61
C ALA A 288 -7.41 -5.15 7.88
N LEU A 289 -6.74 -4.01 8.06
CA LEU A 289 -5.40 -3.80 7.49
C LEU A 289 -4.31 -4.37 8.39
N LEU A 290 -4.39 -4.09 9.69
CA LEU A 290 -3.36 -4.56 10.65
C LEU A 290 -3.26 -6.08 10.81
N MET A 291 -4.37 -6.81 10.74
CA MET A 291 -4.33 -8.28 10.77
C MET A 291 -3.70 -8.75 9.47
N GLY A 292 -2.47 -9.25 9.58
CA GLY A 292 -1.72 -9.76 8.43
C GLY A 292 -0.92 -8.75 7.62
N GLY A 293 -0.93 -7.47 8.03
CA GLY A 293 -0.14 -6.43 7.35
C GLY A 293 -0.50 -6.31 5.88
N LYS A 294 -1.78 -6.08 5.62
CA LYS A 294 -2.26 -5.99 4.25
C LYS A 294 -2.21 -4.55 3.77
N LEU A 295 -2.23 -4.36 2.44
CA LEU A 295 -2.28 -3.01 1.89
C LEU A 295 -3.40 -2.84 0.88
N ILE A 296 -3.91 -1.61 0.80
CA ILE A 296 -4.80 -1.17 -0.26
C ILE A 296 -4.00 -0.14 -1.05
N ALA A 297 -3.94 -0.30 -2.37
CA ALA A 297 -3.24 0.65 -3.25
C ALA A 297 -4.12 1.05 -4.41
N GLY A 298 -4.05 2.31 -4.79
CA GLY A 298 -4.70 2.80 -5.98
C GLY A 298 -3.70 2.78 -7.10
N SER A 299 -4.18 2.70 -8.33
CA SER A 299 -3.30 2.80 -9.49
C SER A 299 -4.09 3.31 -10.69
N ALA A 300 -3.56 4.33 -11.36
CA ALA A 300 -4.00 4.67 -12.73
C ALA A 300 -2.80 4.70 -13.66
N ALA A 301 -3.03 4.32 -14.91
CA ALA A 301 -2.09 4.56 -15.98
C ALA A 301 -0.76 3.83 -15.77
N GLY A 302 0.37 4.42 -16.16
CA GLY A 302 1.69 3.81 -16.02
C GLY A 302 2.74 4.64 -16.75
N SER A 303 4.02 4.28 -16.60
CA SER A 303 5.10 4.98 -17.27
C SER A 303 5.25 4.52 -18.71
N MET A 304 6.07 5.26 -19.46
CA MET A 304 6.41 4.88 -20.83
C MET A 304 7.16 3.55 -20.83
N LYS A 305 8.09 3.38 -19.91
CA LYS A 305 8.85 2.14 -19.78
C LYS A 305 7.86 0.96 -19.57
N GLU A 306 6.89 1.14 -18.67
CA GLU A 306 5.92 0.10 -18.33
C GLU A 306 4.98 -0.18 -19.52
N THR A 307 4.63 0.88 -20.25
CA THR A 307 3.74 0.74 -21.40
C THR A 307 4.39 0.00 -22.56
N GLN A 308 5.62 0.33 -22.90
CA GLN A 308 6.36 -0.47 -23.89
C GLN A 308 6.50 -1.92 -23.43
N GLU A 309 6.89 -2.14 -22.18
CA GLU A 309 7.04 -3.50 -21.65
C GLU A 309 5.74 -4.31 -21.75
N MET A 310 4.61 -3.68 -21.49
CA MET A 310 3.31 -4.34 -21.55
C MET A 310 2.93 -4.69 -22.98
N ILE A 311 3.14 -3.76 -23.91
CA ILE A 311 2.81 -4.01 -25.31
C ILE A 311 3.69 -5.16 -25.80
N ASP A 312 4.96 -5.16 -25.43
CA ASP A 312 5.86 -6.28 -25.80
C ASP A 312 5.31 -7.61 -25.24
N PHE A 313 4.93 -7.61 -23.96
CA PHE A 313 4.35 -8.76 -23.28
C PHE A 313 3.06 -9.24 -23.94
N ALA A 314 2.17 -8.32 -24.28
CA ALA A 314 0.88 -8.62 -24.89
C ALA A 314 0.99 -9.26 -26.29
N ALA A 315 1.94 -8.73 -27.07
CA ALA A 315 2.26 -9.25 -28.37
C ALA A 315 2.73 -10.69 -28.25
N LYS A 316 3.71 -10.90 -27.37
CA LYS A 316 4.28 -12.23 -27.17
C LYS A 316 3.28 -13.26 -26.62
N HIS A 317 2.30 -12.82 -25.83
CA HIS A 317 1.32 -13.73 -25.24
C HIS A 317 -0.05 -13.62 -25.92
N ASN A 318 -0.13 -12.96 -27.08
CA ASN A 318 -1.38 -12.86 -27.84
C ASN A 318 -2.56 -12.33 -27.01
N ILE A 319 -2.34 -11.20 -26.34
CA ILE A 319 -3.32 -10.59 -25.45
C ILE A 319 -3.86 -9.34 -26.12
N VAL A 320 -5.18 -9.32 -26.34
CA VAL A 320 -5.87 -8.17 -26.90
C VAL A 320 -7.15 -8.04 -26.09
N ALA A 321 -7.83 -6.90 -26.27
CA ALA A 321 -9.12 -6.61 -25.68
C ALA A 321 -10.30 -7.08 -26.54
N ASP A 322 -11.42 -7.39 -25.89
CA ASP A 322 -12.74 -7.42 -26.49
C ASP A 322 -13.22 -6.00 -26.85
N VAL A 323 -13.40 -5.75 -28.14
CA VAL A 323 -13.79 -4.41 -28.61
C VAL A 323 -14.96 -4.40 -29.60
N GLU A 324 -15.68 -3.29 -29.65
CA GLU A 324 -16.62 -3.05 -30.75
C GLU A 324 -16.06 -1.91 -31.59
N VAL A 325 -15.71 -2.23 -32.82
CA VAL A 325 -15.11 -1.25 -33.72
C VAL A 325 -16.27 -0.43 -34.26
N ILE A 326 -16.17 0.90 -34.23
CA ILE A 326 -17.29 1.75 -34.65
C ILE A 326 -16.84 2.80 -35.68
N PRO A 327 -17.75 3.23 -36.55
CA PRO A 327 -17.38 4.37 -37.40
C PRO A 327 -17.35 5.65 -36.55
N ILE A 328 -16.57 6.64 -36.99
CA ILE A 328 -16.42 7.86 -36.20
C ILE A 328 -17.71 8.67 -36.07
N ASP A 329 -18.61 8.62 -37.05
CA ASP A 329 -19.91 9.32 -36.85
C ASP A 329 -20.85 8.60 -35.87
N TYR A 330 -20.44 7.44 -35.33
CA TYR A 330 -21.15 6.78 -34.22
C TYR A 330 -20.70 7.24 -32.83
N LEU A 331 -19.72 8.15 -32.75
CA LEU A 331 -19.13 8.55 -31.47
C LEU A 331 -20.17 8.98 -30.42
N ASN A 332 -21.12 9.81 -30.80
CA ASN A 332 -22.09 10.35 -29.84
C ASN A 332 -23.04 9.29 -29.26
N THR A 333 -23.35 8.29 -30.07
CA THR A 333 -24.10 7.13 -29.60
C THR A 333 -23.22 6.25 -28.72
N ALA A 334 -21.95 6.11 -29.08
CA ALA A 334 -21.05 5.35 -28.22
C ALA A 334 -20.97 5.94 -26.81
N MET A 335 -20.94 7.27 -26.69
CA MET A 335 -20.88 7.93 -25.37
C MET A 335 -22.09 7.56 -24.52
N GLU A 336 -23.29 7.55 -25.11
CA GLU A 336 -24.50 7.06 -24.43
C GLU A 336 -24.36 5.61 -23.96
N ARG A 337 -23.76 4.77 -24.78
CA ARG A 337 -23.56 3.38 -24.41
C ARG A 337 -22.55 3.25 -23.28
N ILE A 338 -21.49 4.06 -23.30
CA ILE A 338 -20.51 4.04 -22.23
C ILE A 338 -21.18 4.43 -20.91
N LYS A 339 -22.07 5.43 -20.97
CA LYS A 339 -22.86 5.80 -19.81
C LYS A 339 -23.57 4.58 -19.18
N ASN A 340 -24.02 3.63 -19.99
CA ASN A 340 -24.79 2.48 -19.47
C ASN A 340 -24.03 1.17 -19.50
N SER A 341 -22.70 1.23 -19.64
CA SER A 341 -21.85 0.03 -19.84
C SER A 341 -22.36 -0.93 -20.91
N ASP A 342 -22.94 -0.41 -21.99
CA ASP A 342 -23.50 -1.23 -23.06
C ASP A 342 -22.48 -1.43 -24.15
N VAL A 343 -21.35 -2.02 -23.76
CA VAL A 343 -20.31 -2.33 -24.70
C VAL A 343 -19.44 -3.46 -24.12
N LYS A 344 -19.05 -4.41 -24.98
CA LYS A 344 -18.33 -5.58 -24.55
C LYS A 344 -16.95 -5.63 -25.21
N TYR A 345 -15.91 -5.02 -24.63
CA TYR A 345 -15.91 -4.15 -23.44
C TYR A 345 -15.39 -2.74 -23.69
N ARG A 346 -14.83 -2.47 -24.86
CA ARG A 346 -14.33 -1.14 -25.17
C ARG A 346 -14.68 -0.74 -26.60
N PHE A 347 -15.11 0.51 -26.79
CA PHE A 347 -15.22 1.07 -28.13
C PHE A 347 -13.87 1.41 -28.75
N VAL A 348 -13.73 1.05 -30.03
CA VAL A 348 -12.58 1.48 -30.82
C VAL A 348 -13.10 2.11 -32.09
N ILE A 349 -12.71 3.37 -32.31
CA ILE A 349 -13.14 4.12 -33.45
C ILE A 349 -12.21 3.77 -34.60
N ASP A 350 -12.78 3.32 -35.71
CA ASP A 350 -12.01 3.11 -36.95
C ASP A 350 -11.82 4.46 -37.70
N VAL A 351 -10.79 5.19 -37.27
CA VAL A 351 -10.46 6.50 -37.85
C VAL A 351 -9.97 6.37 -39.28
N GLY A 352 -9.08 5.42 -39.52
CA GLY A 352 -8.49 5.22 -40.83
C GLY A 352 -9.50 5.09 -41.95
N ASN A 353 -10.56 4.30 -41.73
CA ASN A 353 -11.51 4.00 -42.79
C ASN A 353 -12.76 4.89 -42.80
N THR A 354 -13.08 5.54 -41.69
CA THR A 354 -14.35 6.26 -41.55
C THR A 354 -14.25 7.76 -41.30
N LEU A 355 -13.07 8.28 -40.97
CA LEU A 355 -12.94 9.75 -40.90
C LEU A 355 -12.61 10.28 -42.27
N LYS A 356 -13.52 11.04 -42.87
CA LYS A 356 -13.30 11.66 -44.18
C LYS A 356 -13.00 13.14 -44.04
N SER A 357 -12.21 13.67 -44.98
CA SER A 357 -11.88 15.10 -45.00
C SER A 357 -13.16 15.90 -45.23
N PRO A 358 -13.32 17.04 -44.53
CA PRO A 358 -14.59 17.81 -44.60
C PRO A 358 -14.92 18.34 -45.98
N TYR B 11 5.56 -28.07 35.39
CA TYR B 11 7.00 -28.00 34.97
C TYR B 11 7.92 -27.76 36.21
N PRO B 12 9.23 -28.14 36.15
CA PRO B 12 10.08 -28.17 37.35
C PRO B 12 10.75 -26.85 37.79
N VAL B 13 10.95 -25.90 36.88
CA VAL B 13 11.61 -24.62 37.21
C VAL B 13 10.67 -23.71 38.02
N LYS B 14 10.93 -23.55 39.33
CA LYS B 14 10.07 -22.80 40.28
C LYS B 14 10.18 -21.26 40.16
N THR B 15 9.13 -20.61 39.66
CA THR B 15 9.11 -19.14 39.42
C THR B 15 7.91 -18.45 40.04
N PHE B 16 7.97 -17.11 40.09
CA PHE B 16 6.91 -16.25 40.62
C PHE B 16 6.87 -14.92 39.88
N GLY B 17 5.69 -14.31 39.82
CA GLY B 17 5.53 -12.99 39.21
C GLY B 17 4.27 -12.28 39.66
N PHE B 18 3.70 -11.46 38.78
CA PHE B 18 2.42 -10.79 39.00
C PHE B 18 1.45 -11.21 37.92
N ALA B 19 0.18 -11.31 38.28
CA ALA B 19 -0.87 -11.74 37.35
C ALA B 19 -2.22 -11.11 37.67
N ALA B 20 -3.07 -11.00 36.66
CA ALA B 20 -4.48 -10.64 36.79
C ALA B 20 -5.33 -11.90 36.86
N LYS B 21 -6.35 -11.90 37.73
CA LYS B 21 -7.20 -13.08 38.02
C LYS B 21 -8.53 -13.07 37.25
N ASP B 22 -9.14 -11.89 37.15
CA ASP B 22 -10.45 -11.67 36.51
C ASP B 22 -10.33 -10.46 35.58
N SER B 23 -11.45 -10.01 35.01
CA SER B 23 -11.43 -8.86 34.08
C SER B 23 -11.42 -7.46 34.74
N SER B 24 -11.32 -7.40 36.06
CA SER B 24 -11.00 -6.13 36.72
C SER B 24 -9.64 -5.64 36.20
N GLY B 25 -8.71 -6.57 35.96
CA GLY B 25 -7.36 -6.25 35.49
C GLY B 25 -6.39 -5.95 36.62
N PHE B 26 -6.80 -6.26 37.86
CA PHE B 26 -5.98 -6.06 39.04
C PHE B 26 -4.83 -7.06 39.10
N PHE B 27 -3.60 -6.59 39.34
CA PHE B 27 -2.43 -7.47 39.40
C PHE B 27 -1.98 -7.77 40.85
N SER B 28 -1.62 -9.04 41.10
CA SER B 28 -1.17 -9.50 42.41
C SER B 28 -0.10 -10.60 42.28
N PRO B 29 0.68 -10.84 43.36
CA PRO B 29 1.65 -11.96 43.38
C PRO B 29 1.03 -13.28 42.95
N PHE B 30 1.69 -13.98 42.03
CA PHE B 30 1.21 -15.25 41.49
C PHE B 30 2.39 -16.21 41.29
N ASN B 31 2.29 -17.41 41.86
CA ASN B 31 3.31 -18.45 41.72
C ASN B 31 2.98 -19.35 40.56
N PHE B 32 4.00 -19.72 39.80
CA PHE B 32 3.84 -20.67 38.70
C PHE B 32 5.18 -21.38 38.44
N SER B 33 5.35 -21.98 37.27
CA SER B 33 6.60 -22.65 36.93
C SER B 33 6.79 -22.75 35.42
N ARG B 34 8.05 -22.88 35.01
CA ARG B 34 8.45 -23.05 33.61
C ARG B 34 9.20 -24.39 33.40
N ARG B 35 9.39 -24.73 32.14
CA ARG B 35 10.21 -25.88 31.75
C ARG B 35 11.68 -25.69 32.14
N ALA B 36 12.36 -26.81 32.40
CA ALA B 36 13.83 -26.82 32.50
C ALA B 36 14.41 -26.47 31.12
N THR B 37 15.65 -26.01 31.10
CA THR B 37 16.30 -25.59 29.86
C THR B 37 16.57 -26.78 28.91
N GLY B 38 15.79 -26.89 27.82
CA GLY B 38 16.07 -27.83 26.73
C GLY B 38 17.34 -27.46 25.98
N GLU B 39 17.73 -28.29 25.02
CA GLU B 39 19.02 -28.11 24.33
C GLU B 39 19.13 -26.83 23.47
N ASN B 40 17.99 -26.29 23.03
CA ASN B 40 17.91 -25.04 22.28
C ASN B 40 17.39 -23.85 23.10
N ASP B 41 17.38 -23.98 24.44
CA ASP B 41 16.76 -22.99 25.35
C ASP B 41 17.76 -22.10 26.07
N VAL B 42 17.28 -20.89 26.39
CA VAL B 42 18.03 -19.90 27.16
C VAL B 42 17.17 -19.49 28.37
N GLN B 43 17.73 -19.66 29.57
CA GLN B 43 17.08 -19.23 30.81
C GLN B 43 17.76 -17.95 31.30
N PHE B 44 16.96 -16.96 31.70
CA PHE B 44 17.50 -15.72 32.27
C PHE B 44 16.72 -15.19 33.47
N LYS B 45 17.45 -14.52 34.36
CA LYS B 45 16.86 -13.68 35.40
C LYS B 45 16.32 -12.42 34.73
N VAL B 46 15.06 -12.07 34.99
CA VAL B 46 14.44 -10.88 34.38
C VAL B 46 14.84 -9.64 35.20
N LEU B 47 15.34 -8.62 34.52
CA LEU B 47 15.71 -7.37 35.18
C LEU B 47 14.69 -6.27 34.92
N TYR B 48 14.24 -6.13 33.66
CA TYR B 48 13.21 -5.16 33.30
C TYR B 48 12.11 -5.75 32.44
N CYS B 49 10.88 -5.27 32.67
CA CYS B 49 9.72 -5.67 31.90
C CYS B 49 8.91 -4.46 31.45
N GLY B 50 8.95 -4.19 30.14
CA GLY B 50 8.10 -3.19 29.55
C GLY B 50 6.62 -3.57 29.65
N THR B 51 5.76 -2.56 29.60
CA THR B 51 4.32 -2.73 29.48
C THR B 51 3.72 -1.54 28.69
N CYS B 52 2.46 -1.68 28.31
CA CYS B 52 1.87 -0.79 27.29
C CYS B 52 0.36 -1.00 27.19
N ASN B 53 -0.31 -0.25 26.32
CA ASN B 53 -1.75 -0.34 26.17
C ASN B 53 -2.25 -1.74 25.86
N TYR B 54 -1.44 -2.54 25.18
CA TYR B 54 -1.82 -3.92 24.91
C TYR B 54 -2.14 -4.68 26.23
N ASP B 55 -1.29 -4.53 27.25
CA ASP B 55 -1.50 -5.20 28.55
C ASP B 55 -2.75 -4.71 29.31
N LEU B 56 -3.02 -3.41 29.29
CA LEU B 56 -4.26 -2.86 29.83
C LEU B 56 -5.50 -3.50 29.22
N GLU B 57 -5.47 -3.63 27.89
CA GLU B 57 -6.58 -4.17 27.12
C GLU B 57 -6.77 -5.66 27.43
N MET B 58 -5.68 -6.42 27.36
CA MET B 58 -5.73 -7.86 27.61
C MET B 58 -6.06 -8.22 29.06
N SER B 59 -5.56 -7.44 30.01
CA SER B 59 -5.85 -7.67 31.42
C SER B 59 -7.30 -7.36 31.79
N THR B 60 -7.92 -6.35 31.16
CA THR B 60 -9.35 -6.03 31.37
C THR B 60 -10.31 -6.78 30.41
N ASN B 61 -9.76 -7.68 29.59
CA ASN B 61 -10.50 -8.52 28.67
C ASN B 61 -11.37 -7.74 27.69
N LYS B 62 -10.79 -6.69 27.12
CA LYS B 62 -11.46 -5.83 26.14
C LYS B 62 -12.09 -6.62 24.99
N PHE B 63 -11.32 -7.56 24.44
CA PHE B 63 -11.70 -8.30 23.26
C PHE B 63 -12.44 -9.59 23.62
N GLY B 64 -12.39 -10.00 24.89
CA GLY B 64 -13.19 -11.12 25.37
C GLY B 64 -12.54 -12.50 25.29
N MET B 65 -11.36 -12.61 24.68
CA MET B 65 -10.62 -13.88 24.63
C MET B 65 -9.28 -13.74 25.38
N THR B 66 -9.37 -13.56 26.72
CA THR B 66 -8.22 -13.59 27.67
C THR B 66 -8.24 -14.82 28.61
N LYS B 67 -7.25 -15.69 28.46
CA LYS B 67 -7.04 -16.84 29.35
C LYS B 67 -6.45 -16.36 30.69
N TYR B 68 -7.20 -16.56 31.79
CA TYR B 68 -6.74 -16.25 33.16
C TYR B 68 -6.25 -17.52 33.89
N PRO B 69 -5.38 -17.38 34.89
CA PRO B 69 -4.74 -16.12 35.27
C PRO B 69 -3.71 -15.66 34.24
N PHE B 70 -3.61 -14.34 34.07
CA PHE B 70 -2.88 -13.73 32.99
C PHE B 70 -1.63 -13.06 33.53
N VAL B 71 -0.47 -13.61 33.22
CA VAL B 71 0.81 -12.97 33.50
C VAL B 71 1.23 -12.16 32.27
N ILE B 72 1.32 -10.84 32.43
CA ILE B 72 1.83 -9.97 31.34
C ILE B 72 3.34 -10.10 31.17
N GLY B 73 3.82 -9.60 30.05
CA GLY B 73 5.26 -9.45 29.85
C GLY B 73 5.71 -9.92 28.49
N HIS B 74 5.48 -9.08 27.49
CA HIS B 74 5.82 -9.41 26.11
C HIS B 74 7.00 -8.57 25.64
N GLU B 75 7.73 -7.98 26.58
CA GLU B 75 8.85 -7.13 26.24
C GLU B 75 9.74 -7.09 27.47
N ILE B 76 10.78 -7.93 27.46
CA ILE B 76 11.54 -8.20 28.67
C ILE B 76 13.02 -8.31 28.37
N VAL B 77 13.85 -7.91 29.34
CA VAL B 77 15.29 -8.09 29.25
C VAL B 77 15.84 -8.60 30.57
N GLY B 78 17.04 -9.15 30.47
CA GLY B 78 17.73 -9.67 31.64
C GLY B 78 19.03 -10.38 31.33
N VAL B 79 19.43 -11.25 32.24
CA VAL B 79 20.77 -11.79 32.24
C VAL B 79 20.74 -13.33 32.25
N VAL B 80 21.51 -13.95 31.35
CA VAL B 80 21.47 -15.41 31.14
C VAL B 80 22.03 -16.14 32.35
N THR B 81 21.22 -17.04 32.91
CA THR B 81 21.59 -17.88 34.05
C THR B 81 22.12 -19.24 33.58
N GLU B 82 21.39 -19.90 32.68
CA GLU B 82 21.86 -21.16 32.05
C GLU B 82 21.43 -21.31 30.58
N ILE B 83 22.15 -22.19 29.87
CA ILE B 83 21.95 -22.43 28.42
C ILE B 83 21.96 -23.93 28.09
N GLY B 84 21.30 -24.30 26.99
CA GLY B 84 21.23 -25.69 26.53
C GLY B 84 22.50 -26.20 25.87
N SER B 85 22.53 -27.52 25.62
CA SER B 85 23.67 -28.19 24.97
C SER B 85 24.03 -27.65 23.56
N LYS B 86 23.03 -27.39 22.71
CA LYS B 86 23.26 -26.95 21.31
C LYS B 86 23.09 -25.44 21.06
N VAL B 87 23.18 -24.61 22.11
CA VAL B 87 22.95 -23.14 22.05
C VAL B 87 24.19 -22.37 21.56
N GLN B 88 24.08 -21.74 20.38
CA GLN B 88 25.20 -21.03 19.73
C GLN B 88 25.30 -19.55 20.16
N LYS B 89 24.18 -18.82 20.11
CA LYS B 89 24.13 -17.36 20.26
C LYS B 89 24.45 -16.74 21.63
N PHE B 90 24.31 -17.50 22.73
CA PHE B 90 24.49 -16.98 24.12
C PHE B 90 25.50 -17.78 24.96
N LYS B 91 26.21 -17.06 25.84
CA LYS B 91 26.94 -17.64 26.97
C LYS B 91 26.27 -17.16 28.26
N VAL B 92 26.53 -17.85 29.37
CA VAL B 92 25.98 -17.46 30.67
C VAL B 92 26.57 -16.10 31.11
N GLY B 93 25.74 -15.28 31.78
CA GLY B 93 26.12 -13.91 32.15
C GLY B 93 25.81 -12.83 31.11
N ASP B 94 25.60 -13.24 29.85
CA ASP B 94 25.19 -12.33 28.78
C ASP B 94 23.81 -11.73 29.07
N LYS B 95 23.54 -10.60 28.42
CA LYS B 95 22.25 -9.94 28.51
C LYS B 95 21.41 -10.40 27.31
N VAL B 96 20.10 -10.42 27.48
CA VAL B 96 19.19 -11.04 26.49
C VAL B 96 17.81 -10.36 26.52
N GLY B 97 17.09 -10.39 25.40
CA GLY B 97 15.71 -9.89 25.34
C GLY B 97 14.71 -10.80 24.66
N VAL B 98 13.43 -10.67 25.04
CA VAL B 98 12.34 -11.38 24.39
C VAL B 98 11.17 -10.44 24.07
N GLY B 99 10.76 -10.44 22.80
CA GLY B 99 9.63 -9.68 22.30
C GLY B 99 8.33 -10.44 22.41
N GLY B 100 7.41 -10.16 21.49
CA GLY B 100 6.01 -10.56 21.60
C GLY B 100 5.61 -11.98 21.26
N PHE B 101 6.54 -12.78 20.73
CA PHE B 101 6.27 -14.20 20.47
C PHE B 101 7.52 -15.06 20.67
N VAL B 102 7.29 -16.29 21.13
CA VAL B 102 8.35 -17.21 21.54
C VAL B 102 8.39 -18.51 20.70
N GLY B 103 7.47 -18.63 19.74
CA GLY B 103 7.40 -19.81 18.91
C GLY B 103 6.44 -19.60 17.74
N ALA B 104 6.59 -20.46 16.73
CA ALA B 104 5.68 -20.52 15.59
C ALA B 104 5.66 -21.96 15.07
N CYS B 105 4.88 -22.23 14.03
CA CYS B 105 4.75 -23.57 13.47
C CYS B 105 6.05 -24.08 12.77
N GLU B 106 6.90 -23.15 12.29
CA GLU B 106 8.21 -23.43 11.66
C GLU B 106 8.20 -23.95 10.21
N LYS B 107 7.16 -24.69 9.79
CA LYS B 107 7.13 -25.39 8.48
C LYS B 107 6.21 -24.79 7.39
N CYS B 108 5.69 -23.56 7.58
CA CYS B 108 4.77 -22.90 6.61
C CYS B 108 5.47 -21.83 5.75
N GLU B 109 4.71 -21.18 4.87
CA GLU B 109 5.19 -20.13 3.97
C GLU B 109 5.74 -18.92 4.71
N MET B 110 4.96 -18.41 5.65
CA MET B 110 5.33 -17.25 6.46
C MET B 110 6.60 -17.50 7.31
N CYS B 111 6.67 -18.69 7.89
CA CYS B 111 7.84 -19.15 8.64
C CYS B 111 9.11 -19.30 7.78
N VAL B 112 9.05 -20.13 6.73
CA VAL B 112 10.20 -20.40 5.83
C VAL B 112 10.83 -19.09 5.27
N ASN B 113 9.99 -18.09 4.98
CA ASN B 113 10.43 -16.78 4.47
C ASN B 113 10.85 -15.73 5.52
N GLY B 114 10.87 -16.10 6.81
CA GLY B 114 11.40 -15.23 7.87
C GLY B 114 10.47 -14.11 8.32
N VAL B 115 9.16 -14.34 8.17
CA VAL B 115 8.11 -13.44 8.69
C VAL B 115 7.10 -14.26 9.52
N GLU B 116 7.65 -15.12 10.38
CA GLU B 116 6.89 -15.99 11.30
C GLU B 116 5.87 -15.29 12.23
N ASN B 117 6.03 -13.98 12.45
CA ASN B 117 4.98 -13.17 13.08
C ASN B 117 3.61 -13.26 12.40
N ASN B 118 3.60 -13.53 11.09
CA ASN B 118 2.37 -13.75 10.31
C ASN B 118 1.77 -15.16 10.31
N CYS B 119 2.49 -16.11 10.93
CA CYS B 119 1.99 -17.48 11.17
C CYS B 119 0.65 -17.48 11.94
N SER B 120 -0.29 -18.31 11.51
CA SER B 120 -1.60 -18.42 12.18
C SER B 120 -1.55 -19.31 13.44
N LYS B 121 -0.52 -20.14 13.55
CA LYS B 121 -0.21 -20.90 14.78
C LYS B 121 0.99 -20.28 15.51
N VAL B 122 0.98 -18.95 15.67
CA VAL B 122 2.07 -18.20 16.30
C VAL B 122 1.87 -18.18 17.83
N GLU B 123 2.98 -18.35 18.55
CA GLU B 123 2.95 -18.52 20.02
C GLU B 123 3.35 -17.22 20.76
N SER B 124 2.34 -16.52 21.29
CA SER B 124 2.53 -15.29 22.09
C SER B 124 3.27 -15.55 23.39
N THR B 125 4.20 -14.65 23.70
CA THR B 125 4.96 -14.69 24.94
C THR B 125 4.04 -14.61 26.17
N ASP B 126 3.04 -13.73 26.12
CA ASP B 126 2.14 -13.50 27.25
C ASP B 126 0.99 -14.52 27.40
N GLY B 127 0.80 -15.41 26.42
CA GLY B 127 -0.29 -16.39 26.48
C GLY B 127 -1.61 -15.74 26.13
N HIS B 128 -1.99 -15.88 24.87
CA HIS B 128 -3.14 -15.16 24.29
C HIS B 128 -3.47 -15.80 22.92
N PHE B 129 -2.43 -16.03 22.12
CA PHE B 129 -2.39 -17.15 21.15
C PHE B 129 -1.42 -18.22 21.74
N GLY B 130 -1.99 -19.24 22.42
CA GLY B 130 -1.22 -20.27 23.15
C GLY B 130 -1.65 -20.40 24.62
N ASN B 131 -0.99 -21.29 25.36
CA ASN B 131 -1.23 -21.48 26.82
C ASN B 131 0.05 -21.18 27.61
N ASN B 132 0.41 -19.90 27.67
CA ASN B 132 1.69 -19.41 28.20
C ASN B 132 1.56 -18.35 29.31
N PHE B 133 2.67 -18.05 30.00
CA PHE B 133 2.76 -16.94 30.98
C PHE B 133 3.91 -16.01 30.59
N GLY B 134 3.66 -14.70 30.52
CA GLY B 134 4.69 -13.72 30.17
C GLY B 134 5.77 -13.41 31.21
N GLY B 135 6.68 -12.52 30.82
CA GLY B 135 7.91 -12.24 31.56
C GLY B 135 7.89 -11.32 32.78
N CYS B 136 6.72 -10.92 33.25
CA CYS B 136 6.65 -10.13 34.48
C CYS B 136 6.81 -11.06 35.71
N CYS B 137 8.04 -11.51 35.91
CA CYS B 137 8.37 -12.62 36.84
C CYS B 137 9.90 -12.70 37.01
N ASN B 138 10.35 -13.56 37.92
CA ASN B 138 11.78 -13.59 38.27
C ASN B 138 12.67 -14.27 37.21
N ILE B 139 12.20 -15.41 36.69
CA ILE B 139 12.96 -16.23 35.74
C ILE B 139 12.13 -16.42 34.48
N MET B 140 12.83 -16.38 33.34
CA MET B 140 12.27 -16.70 32.03
C MET B 140 13.03 -17.90 31.44
N VAL B 141 12.36 -18.59 30.49
CA VAL B 141 13.03 -19.50 29.57
C VAL B 141 12.36 -19.47 28.19
N VAL B 142 13.20 -19.42 27.16
CA VAL B 142 12.73 -19.28 25.79
C VAL B 142 13.66 -20.04 24.86
N ASN B 143 13.09 -20.53 23.75
CA ASN B 143 13.89 -21.03 22.64
C ASN B 143 14.84 -19.93 22.11
N GLU B 144 16.09 -20.32 21.85
CA GLU B 144 17.16 -19.41 21.43
C GLU B 144 16.84 -18.59 20.17
N LYS B 145 16.07 -19.16 19.24
CA LYS B 145 15.66 -18.44 18.01
C LYS B 145 14.85 -17.18 18.31
N TYR B 146 14.10 -17.21 19.42
CA TYR B 146 13.21 -16.12 19.79
C TYR B 146 13.81 -15.20 20.89
N ALA B 147 15.12 -15.29 21.08
CA ALA B 147 15.86 -14.50 22.05
C ALA B 147 16.82 -13.58 21.30
N VAL B 148 16.79 -12.29 21.66
CA VAL B 148 17.59 -11.25 21.03
C VAL B 148 18.92 -11.10 21.74
N VAL B 149 19.99 -10.99 20.96
CA VAL B 149 21.33 -10.78 21.50
C VAL B 149 21.43 -9.30 21.84
N TRP B 150 21.70 -8.98 23.09
CA TRP B 150 21.64 -7.60 23.57
C TRP B 150 23.03 -6.96 23.61
N PRO B 151 23.23 -5.88 22.84
CA PRO B 151 24.55 -5.21 22.86
C PRO B 151 24.87 -4.42 24.14
N GLU B 152 26.13 -4.43 24.55
CA GLU B 152 26.60 -3.85 25.82
C GLU B 152 26.40 -2.33 25.94
N ASN B 153 26.25 -1.62 24.82
CA ASN B 153 26.01 -0.16 24.81
C ASN B 153 24.53 0.25 24.60
N LEU B 154 23.61 -0.70 24.69
CA LEU B 154 22.18 -0.40 24.70
C LEU B 154 21.67 -0.56 26.14
N PRO B 155 21.25 0.55 26.78
CA PRO B 155 20.72 0.38 28.15
C PRO B 155 19.48 -0.52 28.17
N LEU B 156 19.35 -1.29 29.22
CA LEU B 156 18.28 -2.27 29.36
C LEU B 156 16.95 -1.60 29.69
N HIS B 157 16.96 -0.76 30.73
CA HIS B 157 15.74 -0.07 31.20
C HIS B 157 15.09 0.78 30.11
N SER B 158 15.87 1.57 29.39
CA SER B 158 15.32 2.43 28.35
C SER B 158 15.25 1.75 26.98
N GLY B 159 15.93 0.61 26.83
CA GLY B 159 15.89 -0.15 25.59
C GLY B 159 14.78 -1.19 25.45
N VAL B 160 14.27 -1.70 26.57
CA VAL B 160 13.31 -2.80 26.51
C VAL B 160 12.03 -2.52 25.69
N PRO B 161 11.48 -1.28 25.76
CA PRO B 161 10.28 -1.05 24.94
C PRO B 161 10.52 -1.10 23.42
N LEU B 162 11.78 -1.11 22.98
CA LEU B 162 12.12 -1.34 21.59
C LEU B 162 11.57 -2.67 21.09
N LEU B 163 11.55 -3.67 21.98
CA LEU B 163 11.02 -5.00 21.62
C LEU B 163 9.51 -5.00 21.37
N CYS B 164 8.85 -3.86 21.58
CA CYS B 164 7.43 -3.69 21.28
C CYS B 164 7.20 -2.44 20.37
N ALA B 165 7.31 -1.24 20.92
CA ALA B 165 7.12 -0.01 20.14
C ALA B 165 8.17 0.16 19.03
N GLY B 166 9.41 -0.24 19.31
CA GLY B 166 10.53 -0.05 18.39
C GLY B 166 10.35 -0.81 17.10
N ILE B 167 10.29 -2.14 17.22
CA ILE B 167 10.02 -3.03 16.07
C ILE B 167 8.76 -2.64 15.26
N THR B 168 7.72 -2.19 15.97
CA THR B 168 6.47 -1.77 15.33
C THR B 168 6.64 -0.56 14.39
N THR B 169 7.47 0.39 14.77
CA THR B 169 7.80 1.50 13.88
C THR B 169 8.91 1.15 12.86
N TYR B 170 9.92 0.41 13.30
CA TYR B 170 11.08 0.04 12.45
C TYR B 170 10.72 -0.85 11.26
N SER B 171 9.89 -1.86 11.49
CA SER B 171 9.57 -2.85 10.47
C SER B 171 9.04 -2.19 9.18
N PRO B 172 7.93 -1.40 9.26
CA PRO B 172 7.39 -0.77 8.05
C PRO B 172 8.29 0.30 7.41
N LEU B 173 9.11 0.98 8.21
CA LEU B 173 10.13 1.90 7.67
C LEU B 173 11.09 1.16 6.73
N ARG B 174 11.45 -0.06 7.09
CA ARG B 174 12.24 -0.92 6.22
C ARG B 174 11.40 -1.56 5.09
N ARG B 175 10.26 -2.15 5.43
CA ARG B 175 9.46 -2.89 4.45
C ARG B 175 9.05 -2.00 3.26
N TYR B 176 8.75 -0.72 3.55
CA TYR B 176 8.21 0.20 2.53
C TYR B 176 9.22 1.22 1.98
N GLY B 177 10.51 0.94 2.17
CA GLY B 177 11.58 1.77 1.68
C GLY B 177 11.57 3.19 2.20
N LEU B 178 11.21 3.36 3.48
CA LEU B 178 11.20 4.70 4.09
C LEU B 178 12.42 4.93 4.98
N ASP B 179 13.52 4.26 4.61
CA ASP B 179 14.75 4.19 5.40
C ASP B 179 15.95 4.73 4.62
N LYS B 180 15.69 5.51 3.58
CA LYS B 180 16.74 6.06 2.70
C LYS B 180 17.08 7.48 3.13
N PRO B 181 18.36 7.87 3.05
CA PRO B 181 18.66 9.25 3.46
C PRO B 181 18.03 10.28 2.52
N GLY B 182 17.52 11.38 3.08
CA GLY B 182 16.94 12.47 2.30
C GLY B 182 15.42 12.50 2.16
N LEU B 183 14.75 11.36 2.35
CA LEU B 183 13.29 11.26 2.20
C LEU B 183 12.53 12.19 3.14
N ASN B 184 11.34 12.61 2.72
CA ASN B 184 10.43 13.34 3.60
C ASN B 184 9.44 12.37 4.25
N ILE B 185 9.63 12.13 5.55
CA ILE B 185 8.82 11.19 6.31
C ILE B 185 7.94 11.96 7.30
N GLY B 186 6.63 11.75 7.22
CA GLY B 186 5.71 12.28 8.22
C GLY B 186 5.53 11.25 9.31
N ILE B 187 5.41 11.72 10.56
CA ILE B 187 4.94 10.92 11.66
C ILE B 187 3.67 11.62 12.15
N ALA B 188 2.55 10.90 12.19
CA ALA B 188 1.33 11.43 12.80
C ALA B 188 1.17 10.90 14.23
N GLY B 189 1.09 11.82 15.19
CA GLY B 189 0.93 11.48 16.60
C GLY B 189 2.29 11.29 17.24
N LEU B 190 2.54 12.06 18.30
CA LEU B 190 3.78 11.94 19.07
C LEU B 190 3.44 11.36 20.46
N GLY B 191 3.24 10.04 20.44
CA GLY B 191 3.11 9.22 21.64
C GLY B 191 4.19 8.16 21.62
N GLY B 192 3.89 6.98 22.19
CA GLY B 192 4.87 5.91 22.37
C GLY B 192 5.46 5.42 21.05
N LEU B 193 4.58 5.09 20.12
CA LEU B 193 5.04 4.71 18.78
C LEU B 193 5.73 5.90 18.10
N GLY B 194 5.03 7.03 18.11
CA GLY B 194 5.46 8.25 17.45
C GLY B 194 6.88 8.65 17.74
N HIS B 195 7.25 8.72 19.02
CA HIS B 195 8.59 9.21 19.43
C HIS B 195 9.75 8.31 18.96
N LEU B 196 9.52 7.00 18.90
CA LEU B 196 10.53 6.08 18.35
C LEU B 196 10.56 6.08 16.84
N ALA B 197 9.39 6.21 16.22
CA ALA B 197 9.31 6.42 14.76
C ALA B 197 10.16 7.62 14.29
N ILE B 198 10.08 8.71 15.05
CA ILE B 198 10.85 9.93 14.77
C ILE B 198 12.34 9.64 14.87
N ARG B 199 12.74 8.98 15.96
CA ARG B 199 14.13 8.64 16.23
C ARG B 199 14.77 7.72 15.20
N PHE B 200 14.01 6.73 14.74
CA PHE B 200 14.50 5.82 13.69
C PHE B 200 14.67 6.56 12.35
N ALA B 201 13.61 7.25 11.94
CA ALA B 201 13.61 8.09 10.74
C ALA B 201 14.76 9.11 10.68
N LYS B 202 15.04 9.77 11.80
CA LYS B 202 16.21 10.67 11.92
C LYS B 202 17.55 9.95 11.64
N ALA B 203 17.77 8.82 12.30
CA ALA B 203 18.98 8.01 12.10
C ALA B 203 19.12 7.48 10.67
N PHE B 204 18.00 7.18 9.99
CA PHE B 204 18.02 6.77 8.58
C PHE B 204 18.41 7.91 7.64
N GLY B 205 18.18 9.15 8.09
CA GLY B 205 18.58 10.34 7.36
C GLY B 205 17.44 11.16 6.78
N ALA B 206 16.24 11.01 7.32
CA ALA B 206 15.06 11.62 6.72
C ALA B 206 14.78 12.99 7.31
N LYS B 207 14.21 13.86 6.47
CA LYS B 207 13.64 15.13 6.90
C LYS B 207 12.24 14.80 7.45
N VAL B 208 12.10 14.94 8.77
CA VAL B 208 10.90 14.50 9.49
C VAL B 208 9.93 15.64 9.73
N THR B 209 8.66 15.36 9.45
CA THR B 209 7.55 16.26 9.71
C THR B 209 6.65 15.60 10.74
N LEU B 210 6.37 16.28 11.86
CA LEU B 210 5.33 15.83 12.78
C LEU B 210 3.98 16.39 12.37
N ILE B 211 3.00 15.50 12.27
CA ILE B 211 1.62 15.86 12.03
C ILE B 211 0.88 15.58 13.34
N SER B 212 0.13 16.57 13.85
CA SER B 212 -0.61 16.40 15.11
C SER B 212 -1.81 17.31 15.19
N SER B 213 -2.80 16.91 15.97
CA SER B 213 -3.94 17.78 16.30
C SER B 213 -3.61 18.79 17.43
N SER B 214 -2.53 18.54 18.18
CA SER B 214 -2.19 19.35 19.36
C SER B 214 -1.06 20.36 19.10
N VAL B 215 -1.33 21.65 19.31
CA VAL B 215 -0.29 22.70 19.21
C VAL B 215 0.86 22.44 20.21
N LYS B 216 0.52 21.95 21.41
CA LYS B 216 1.51 21.56 22.43
C LYS B 216 2.60 20.64 21.87
N LYS B 217 2.19 19.74 21.00
CA LYS B 217 3.11 18.80 20.36
C LYS B 217 4.07 19.44 19.36
N LYS B 218 3.73 20.60 18.79
CA LYS B 218 4.64 21.35 17.91
C LYS B 218 5.92 21.70 18.67
N ARG B 219 5.74 22.41 19.79
CA ARG B 219 6.85 22.81 20.63
C ARG B 219 7.67 21.57 21.02
N GLU B 220 7.00 20.50 21.47
CA GLU B 220 7.71 19.27 21.86
C GLU B 220 8.55 18.63 20.75
N ALA B 221 7.98 18.53 19.56
CA ALA B 221 8.67 17.98 18.41
C ALA B 221 9.95 18.74 18.01
N LEU B 222 9.90 20.07 17.93
CA LEU B 222 11.10 20.88 17.58
C LEU B 222 12.16 20.83 18.67
N GLU B 223 11.73 21.16 19.88
CA GLU B 223 12.64 21.32 21.00
C GLU B 223 13.26 19.97 21.40
N LYS B 224 12.45 18.91 21.52
CA LYS B 224 12.94 17.63 22.08
C LYS B 224 13.32 16.56 21.04
N PHE B 225 12.79 16.64 19.81
CA PHE B 225 13.14 15.63 18.79
C PHE B 225 13.88 16.15 17.59
N GLY B 226 14.07 17.48 17.53
CA GLY B 226 14.71 18.13 16.41
C GLY B 226 13.91 17.93 15.14
N VAL B 227 12.59 18.03 15.25
CA VAL B 227 11.72 17.86 14.08
C VAL B 227 11.71 19.16 13.30
N ASP B 228 11.75 19.00 11.97
CA ASP B 228 11.97 20.09 11.01
C ASP B 228 10.70 20.89 10.84
N SER B 229 9.65 20.17 10.51
CA SER B 229 8.38 20.72 10.10
C SER B 229 7.26 20.16 10.99
N PHE B 230 6.24 20.98 11.17
CA PHE B 230 5.06 20.60 11.92
C PHE B 230 3.84 21.01 11.11
N LEU B 231 2.90 20.08 10.97
CA LEU B 231 1.59 20.37 10.38
C LEU B 231 0.52 20.13 11.45
N LEU B 232 -0.34 21.11 11.63
CA LEU B 232 -1.52 20.96 12.49
C LEU B 232 -2.65 20.45 11.59
N ASN B 233 -3.19 19.28 11.91
CA ASN B 233 -4.16 18.62 11.03
C ASN B 233 -5.63 19.10 11.17
N SER B 234 -5.89 20.06 12.07
CA SER B 234 -7.17 20.80 12.13
C SER B 234 -7.16 22.13 11.36
N ASN B 235 -5.97 22.58 10.92
CA ASN B 235 -5.82 23.77 10.08
C ASN B 235 -5.71 23.37 8.58
N PRO B 236 -6.76 23.68 7.76
CA PRO B 236 -6.70 23.30 6.34
C PRO B 236 -5.67 24.10 5.52
N GLU B 237 -5.36 25.34 5.92
CA GLU B 237 -4.39 26.20 5.20
C GLU B 237 -2.94 25.70 5.31
N GLU B 238 -2.53 25.21 6.48
CA GLU B 238 -1.19 24.65 6.70
C GLU B 238 -1.03 23.28 6.01
N MET B 239 -2.09 22.47 6.08
CA MET B 239 -2.12 21.17 5.39
C MET B 239 -2.08 21.32 3.86
N GLN B 240 -2.87 22.26 3.32
CA GLN B 240 -2.82 22.60 1.87
C GLN B 240 -1.38 22.89 1.39
N GLY B 241 -0.60 23.60 2.19
CA GLY B 241 0.75 24.00 1.80
C GLY B 241 1.80 22.91 1.67
N ALA B 242 1.55 21.74 2.27
CA ALA B 242 2.44 20.59 2.15
C ALA B 242 1.88 19.46 1.26
N TYR B 243 0.80 19.70 0.52
CA TYR B 243 0.26 18.67 -0.39
C TYR B 243 1.34 18.20 -1.37
N GLY B 244 1.50 16.89 -1.45
CA GLY B 244 2.42 16.25 -2.38
C GLY B 244 3.90 16.39 -2.06
N THR B 245 4.24 16.43 -0.78
CA THR B 245 5.63 16.64 -0.35
C THR B 245 6.28 15.46 0.40
N LEU B 246 5.49 14.48 0.82
CA LEU B 246 6.02 13.38 1.66
C LEU B 246 6.12 12.03 0.94
N ASP B 247 7.25 11.36 1.13
CA ASP B 247 7.45 9.99 0.64
C ASP B 247 6.67 8.94 1.43
N GLY B 248 6.54 9.15 2.74
CA GLY B 248 5.75 8.23 3.54
C GLY B 248 5.28 8.87 4.82
N ILE B 249 4.19 8.35 5.35
CA ILE B 249 3.70 8.76 6.64
C ILE B 249 3.57 7.53 7.51
N ILE B 250 4.08 7.63 8.75
CA ILE B 250 3.81 6.63 9.77
C ILE B 250 2.78 7.22 10.70
N ASP B 251 1.55 6.71 10.63
CA ASP B 251 0.41 7.23 11.39
C ASP B 251 0.21 6.37 12.63
N THR B 252 0.47 6.96 13.80
CA THR B 252 0.35 6.29 15.09
C THR B 252 -0.90 6.69 15.86
N MET B 253 -1.71 7.58 15.30
CA MET B 253 -2.86 8.14 16.02
C MET B 253 -3.91 7.07 16.35
N PRO B 254 -4.20 6.87 17.66
CA PRO B 254 -5.25 5.91 18.08
C PRO B 254 -6.68 6.44 18.05
N VAL B 255 -6.87 7.76 17.88
CA VAL B 255 -8.23 8.33 17.89
C VAL B 255 -8.81 8.38 16.48
N ALA B 256 -10.13 8.48 16.42
CA ALA B 256 -10.86 8.77 15.20
C ALA B 256 -10.22 9.98 14.47
N HIS B 257 -9.87 9.80 13.20
CA HIS B 257 -9.36 10.87 12.34
C HIS B 257 -9.46 10.50 10.87
N SER B 258 -9.64 11.50 10.01
CA SER B 258 -9.62 11.29 8.56
C SER B 258 -8.17 11.12 8.11
N ILE B 259 -7.95 10.21 7.15
CA ILE B 259 -6.65 10.07 6.49
C ILE B 259 -6.68 10.61 5.05
N VAL B 260 -7.79 11.20 4.63
CA VAL B 260 -7.85 11.84 3.34
C VAL B 260 -6.81 12.97 3.27
N PRO B 261 -6.71 13.82 4.33
CA PRO B 261 -5.59 14.79 4.32
C PRO B 261 -4.18 14.15 4.27
N PHE B 262 -4.01 13.01 4.93
CA PHE B 262 -2.71 12.35 5.01
C PHE B 262 -2.28 11.82 3.64
N LEU B 263 -3.22 11.25 2.91
CA LEU B 263 -2.97 10.78 1.55
C LEU B 263 -2.58 11.97 0.67
N ALA B 264 -3.26 13.09 0.89
CA ALA B 264 -2.98 14.34 0.17
C ALA B 264 -1.58 14.88 0.41
N LEU B 265 -0.98 14.57 1.56
CA LEU B 265 0.39 14.99 1.88
C LEU B 265 1.44 14.21 1.12
N LEU B 266 1.06 13.03 0.61
CA LEU B 266 1.98 12.11 -0.01
C LEU B 266 2.26 12.49 -1.46
N LYS B 267 3.54 12.38 -1.85
CA LYS B 267 3.94 12.45 -3.24
C LYS B 267 3.25 11.33 -4.02
N PRO B 268 3.26 11.40 -5.36
CA PRO B 268 2.90 10.18 -6.10
C PRO B 268 3.76 8.97 -5.66
N LEU B 269 3.15 7.79 -5.60
CA LEU B 269 3.78 6.54 -5.16
C LEU B 269 4.17 6.52 -3.70
N GLY B 270 3.52 7.36 -2.90
CA GLY B 270 3.84 7.48 -1.49
C GLY B 270 3.00 6.53 -0.66
N LYS B 271 3.50 6.23 0.53
CA LYS B 271 2.91 5.20 1.38
C LYS B 271 2.44 5.74 2.74
N LEU B 272 1.18 5.42 3.09
CA LEU B 272 0.63 5.66 4.42
C LEU B 272 0.61 4.36 5.25
N ILE B 273 1.34 4.33 6.35
CA ILE B 273 1.38 3.17 7.25
C ILE B 273 0.53 3.41 8.49
N ILE B 274 -0.52 2.61 8.64
CA ILE B 274 -1.39 2.69 9.83
C ILE B 274 -0.86 1.78 10.94
N LEU B 275 -0.54 2.38 12.09
CA LEU B 275 -0.08 1.65 13.29
C LEU B 275 -1.05 1.77 14.48
N GLY B 276 -1.84 2.85 14.56
CA GLY B 276 -2.90 2.98 15.58
C GLY B 276 -4.16 2.21 15.17
N VAL B 277 -5.10 2.08 16.09
CA VAL B 277 -6.31 1.27 15.85
C VAL B 277 -7.56 1.98 16.36
N PRO B 278 -7.97 3.08 15.69
CA PRO B 278 -9.22 3.74 16.07
C PRO B 278 -10.44 2.83 15.97
N GLU B 279 -11.52 3.18 16.67
CA GLU B 279 -12.75 2.38 16.60
C GLU B 279 -13.51 2.76 15.34
N GLU B 280 -13.59 4.06 15.08
CA GLU B 280 -14.14 4.59 13.83
C GLU B 280 -13.33 4.08 12.65
N PRO B 281 -13.99 3.46 11.65
CA PRO B 281 -13.24 3.12 10.43
C PRO B 281 -12.83 4.35 9.62
N PHE B 282 -11.85 4.18 8.74
CA PHE B 282 -11.39 5.25 7.85
C PHE B 282 -12.29 5.35 6.62
N GLU B 283 -12.81 6.55 6.37
N GLU B 283 -12.81 6.54 6.36
CA GLU B 283 -13.54 6.86 5.13
CA GLU B 283 -13.55 6.81 5.13
C GLU B 283 -12.48 7.19 4.09
C GLU B 283 -12.50 7.19 4.10
N VAL B 284 -12.38 6.38 3.03
CA VAL B 284 -11.33 6.53 2.03
C VAL B 284 -11.96 6.61 0.65
N PRO B 285 -12.02 7.82 0.07
CA PRO B 285 -12.55 7.94 -1.30
C PRO B 285 -11.54 7.38 -2.30
N ALA B 286 -12.04 6.62 -3.28
CA ALA B 286 -11.18 6.05 -4.32
C ALA B 286 -10.20 7.07 -4.92
N PRO B 287 -10.68 8.30 -5.26
CA PRO B 287 -9.75 9.31 -5.82
C PRO B 287 -8.52 9.62 -4.95
N ALA B 288 -8.68 9.54 -3.64
CA ALA B 288 -7.59 9.81 -2.71
C ALA B 288 -6.44 8.78 -2.83
N LEU B 289 -6.76 7.54 -3.23
CA LEU B 289 -5.73 6.53 -3.50
C LEU B 289 -5.22 6.60 -4.93
N LEU B 290 -6.15 6.86 -5.86
CA LEU B 290 -5.89 6.73 -7.29
C LEU B 290 -5.07 7.89 -7.86
N MET B 291 -5.46 9.11 -7.53
CA MET B 291 -4.65 10.28 -7.87
C MET B 291 -3.30 10.10 -7.14
N GLY B 292 -2.30 9.65 -7.92
CA GLY B 292 -0.92 9.49 -7.46
C GLY B 292 -0.45 8.07 -7.23
N GLY B 293 -1.35 7.11 -7.34
CA GLY B 293 -1.00 5.70 -7.18
C GLY B 293 -0.44 5.40 -5.80
N LYS B 294 -1.15 5.86 -4.76
CA LYS B 294 -0.71 5.78 -3.37
C LYS B 294 -1.27 4.54 -2.71
N LEU B 295 -0.74 4.20 -1.55
CA LEU B 295 -1.21 3.04 -0.79
C LEU B 295 -1.40 3.30 0.70
N ILE B 296 -2.24 2.49 1.32
CA ILE B 296 -2.42 2.44 2.77
C ILE B 296 -2.13 0.99 3.17
N ALA B 297 -1.26 0.83 4.17
CA ALA B 297 -0.89 -0.49 4.66
C ALA B 297 -0.95 -0.55 6.18
N GLY B 298 -1.34 -1.69 6.72
CA GLY B 298 -1.29 -1.94 8.15
C GLY B 298 0.01 -2.59 8.55
N SER B 299 0.37 -2.42 9.82
CA SER B 299 1.60 -3.01 10.34
C SER B 299 1.56 -3.04 11.86
N ALA B 300 1.86 -4.20 12.42
CA ALA B 300 2.03 -4.36 13.86
C ALA B 300 3.19 -5.32 14.06
N ALA B 301 4.11 -4.96 14.94
CA ALA B 301 5.22 -5.84 15.33
C ALA B 301 6.19 -6.11 14.17
N GLY B 302 6.81 -7.30 14.15
CA GLY B 302 7.71 -7.75 13.08
C GLY B 302 8.30 -9.13 13.37
N SER B 303 9.29 -9.52 12.58
CA SER B 303 9.93 -10.84 12.71
C SER B 303 11.20 -10.81 13.55
N MET B 304 11.67 -12.00 13.94
CA MET B 304 12.92 -12.14 14.73
C MET B 304 14.16 -11.61 14.01
N LYS B 305 14.25 -11.82 12.70
CA LYS B 305 15.38 -11.28 11.95
C LYS B 305 15.38 -9.76 12.09
N GLU B 306 14.26 -9.14 11.70
CA GLU B 306 14.04 -7.68 11.83
C GLU B 306 14.25 -7.13 13.24
N THR B 307 13.83 -7.88 14.25
CA THR B 307 13.91 -7.43 15.63
C THR B 307 15.39 -7.32 16.06
N GLN B 308 16.18 -8.37 15.77
CA GLN B 308 17.63 -8.40 16.05
C GLN B 308 18.35 -7.26 15.35
N GLU B 309 17.95 -7.05 14.11
CA GLU B 309 18.51 -6.01 13.26
C GLU B 309 18.18 -4.62 13.80
N MET B 310 16.93 -4.43 14.21
CA MET B 310 16.46 -3.18 14.84
C MET B 310 17.21 -2.86 16.13
N ILE B 311 17.53 -3.89 16.91
CA ILE B 311 18.28 -3.73 18.16
C ILE B 311 19.74 -3.33 17.91
N ASP B 312 20.37 -3.93 16.90
CA ASP B 312 21.74 -3.55 16.53
C ASP B 312 21.80 -2.12 15.98
N PHE B 313 20.78 -1.73 15.21
CA PHE B 313 20.67 -0.36 14.69
C PHE B 313 20.43 0.64 15.82
N ALA B 314 19.56 0.32 16.76
CA ALA B 314 19.30 1.18 17.93
C ALA B 314 20.57 1.42 18.74
N ALA B 315 21.27 0.35 19.06
CA ALA B 315 22.57 0.43 19.74
C ALA B 315 23.56 1.29 18.97
N LYS B 316 23.68 1.04 17.66
CA LYS B 316 24.65 1.76 16.81
C LYS B 316 24.38 3.26 16.74
N HIS B 317 23.10 3.65 16.79
CA HIS B 317 22.69 5.06 16.65
C HIS B 317 22.11 5.70 17.94
N ASN B 318 22.37 5.10 19.11
CA ASN B 318 21.98 5.64 20.42
C ASN B 318 20.47 5.91 20.55
N ILE B 319 19.68 4.99 20.02
CA ILE B 319 18.25 5.06 20.14
C ILE B 319 17.80 4.23 21.36
N VAL B 320 17.01 4.89 22.21
CA VAL B 320 16.27 4.26 23.31
C VAL B 320 14.88 4.89 23.35
N ALA B 321 13.96 4.29 24.11
CA ALA B 321 12.66 4.89 24.40
C ALA B 321 12.80 5.77 25.62
N ASP B 322 12.02 6.84 25.67
CA ASP B 322 11.66 7.54 26.91
C ASP B 322 10.81 6.62 27.76
N VAL B 323 11.18 6.49 29.03
CA VAL B 323 10.54 5.55 29.92
C VAL B 323 10.43 6.13 31.31
N GLU B 324 9.42 5.66 32.03
CA GLU B 324 9.31 5.85 33.47
C GLU B 324 9.50 4.47 34.12
N VAL B 325 10.63 4.31 34.80
CA VAL B 325 10.89 3.06 35.51
C VAL B 325 10.05 3.05 36.78
N ILE B 326 9.33 1.95 37.02
CA ILE B 326 8.43 1.87 38.17
C ILE B 326 8.64 0.61 38.96
N PRO B 327 8.39 0.67 40.29
CA PRO B 327 8.44 -0.54 41.10
C PRO B 327 7.19 -1.39 40.78
N ILE B 328 7.27 -2.70 41.02
CA ILE B 328 6.18 -3.59 40.64
C ILE B 328 4.84 -3.29 41.37
N ASP B 329 4.88 -2.85 42.63
CA ASP B 329 3.64 -2.50 43.32
C ASP B 329 2.96 -1.22 42.78
N TYR B 330 3.59 -0.49 41.85
CA TYR B 330 2.95 0.58 41.11
C TYR B 330 2.16 0.10 39.86
N LEU B 331 2.23 -1.21 39.54
CA LEU B 331 1.71 -1.72 38.26
C LEU B 331 0.24 -1.39 38.03
N ASN B 332 -0.58 -1.58 39.06
CA ASN B 332 -2.00 -1.24 39.02
C ASN B 332 -2.26 0.23 38.78
N THR B 333 -1.51 1.10 39.46
CA THR B 333 -1.56 2.54 39.14
C THR B 333 -1.11 2.81 37.69
N ALA B 334 -0.02 2.16 37.27
CA ALA B 334 0.49 2.32 35.90
C ALA B 334 -0.62 2.06 34.88
N MET B 335 -1.43 1.03 35.13
CA MET B 335 -2.54 0.71 34.26
C MET B 335 -3.58 1.82 34.13
N GLU B 336 -3.90 2.56 35.20
CA GLU B 336 -4.82 3.72 35.00
C GLU B 336 -4.14 4.83 34.20
N ARG B 337 -2.83 4.95 34.36
CA ARG B 337 -2.08 5.96 33.63
C ARG B 337 -1.95 5.61 32.14
N ILE B 338 -1.77 4.33 31.80
CA ILE B 338 -1.82 3.91 30.40
C ILE B 338 -3.21 4.23 29.82
N LYS B 339 -4.30 3.96 30.54
CA LYS B 339 -5.66 4.36 30.13
C LYS B 339 -5.72 5.87 29.83
N ASN B 340 -5.19 6.70 30.73
CA ASN B 340 -5.24 8.17 30.55
C ASN B 340 -4.15 8.77 29.64
N SER B 341 -3.23 7.95 29.12
CA SER B 341 -2.17 8.38 28.19
C SER B 341 -1.26 9.45 28.80
N ASP B 342 -0.73 9.10 29.96
CA ASP B 342 -0.22 9.99 30.99
C ASP B 342 1.25 9.72 31.32
N VAL B 343 1.92 9.01 30.42
CA VAL B 343 3.23 8.48 30.68
C VAL B 343 4.15 8.86 29.53
N LYS B 344 5.37 9.26 29.87
CA LYS B 344 6.35 9.69 28.87
C LYS B 344 7.50 8.66 28.74
N TYR B 345 7.48 7.73 27.78
CA TYR B 345 6.32 7.31 26.97
C TYR B 345 5.91 5.85 27.21
N ARG B 346 6.73 5.06 27.91
CA ARG B 346 6.40 3.67 28.25
C ARG B 346 6.86 3.33 29.67
N PHE B 347 5.99 2.69 30.44
CA PHE B 347 6.36 2.18 31.76
C PHE B 347 7.28 0.95 31.60
N VAL B 348 8.32 0.93 32.41
CA VAL B 348 9.24 -0.21 32.49
C VAL B 348 9.29 -0.64 33.95
N ILE B 349 8.96 -1.90 34.19
CA ILE B 349 8.92 -2.43 35.54
C ILE B 349 10.33 -2.87 35.93
N ASP B 350 10.82 -2.36 37.05
CA ASP B 350 12.07 -2.80 37.65
C ASP B 350 11.81 -4.09 38.43
N VAL B 351 11.72 -5.18 37.69
CA VAL B 351 11.53 -6.52 38.23
C VAL B 351 12.74 -6.89 39.11
N GLY B 352 13.96 -6.60 38.61
CA GLY B 352 15.20 -6.97 39.26
C GLY B 352 15.40 -6.46 40.68
N ASN B 353 15.00 -5.21 40.93
CA ASN B 353 15.12 -4.61 42.25
C ASN B 353 13.85 -4.66 43.11
N THR B 354 12.66 -4.78 42.50
CA THR B 354 11.38 -4.62 43.25
C THR B 354 10.45 -5.84 43.34
N LEU B 355 10.61 -6.84 42.47
CA LEU B 355 9.85 -8.08 42.65
C LEU B 355 10.38 -8.85 43.86
N LYS B 356 9.58 -8.91 44.93
CA LYS B 356 9.97 -9.63 46.14
C LYS B 356 9.58 -11.11 45.99
N SER B 357 10.35 -12.02 46.58
CA SER B 357 9.97 -13.44 46.62
C SER B 357 8.88 -13.63 47.67
N PRO B 358 7.90 -14.50 47.39
CA PRO B 358 6.73 -14.63 48.26
C PRO B 358 7.09 -15.26 49.61
N SER B 359 6.44 -14.84 50.68
CA SER B 359 6.78 -15.27 52.05
C SER B 359 6.39 -16.75 52.24
N PHE B 360 7.15 -17.47 53.07
CA PHE B 360 7.00 -18.92 53.25
C PHE B 360 5.92 -19.22 54.29
ZN ZN C . -9.34 5.33 -22.24
ZN ZN D . 9.00 15.87 -14.40
ZN ZN E . 4.13 -3.73 24.66
ZN ZN F . 4.21 -21.00 10.42
#